data_7DWC
#
_entry.id   7DWC
#
_cell.length_a   73.796
_cell.length_b   82.580
_cell.length_c   81.534
_cell.angle_alpha   90.000
_cell.angle_beta   110.170
_cell.angle_gamma   90.000
#
_symmetry.space_group_name_H-M   'P 1 21 1'
#
loop_
_entity.id
_entity.type
_entity.pdbx_description
1 polymer Xylanase
2 water water
#
_entity_poly.entity_id   1
_entity_poly.type   'polypeptide(L)'
_entity_poly.pdbx_seq_one_letter_code
;SHMKKLICISLYEDLSMTTYDLSKVDNAELIGIVENASEGTLFVFTCDRPNGSSVIMCPGGGFLKTNLENEGIDFAEWFT
KLGITYIVFKYRMPHGNPDVPEQDTRLALKVVREKFPEFCDKLGVMGASIGGYLATFSATLLPDDEKPDFQILMYPVVSV
DDRLTHFPCRERMFGHSYSPDKMEQYSPIEHITSGTPAAFIVAAADDAVVSPLNGIMYAARLQKADIPISLHIYPAGGHG
FGYNDSFVYKQEWLQELGEWLAKL
;
_entity_poly.pdbx_strand_id   A,B,C,D
#
# COMPACT_ATOMS: atom_id res chain seq x y z
N SER A 1 14.39 -10.55 25.24
CA SER A 1 15.14 -10.56 23.99
C SER A 1 15.29 -11.96 23.43
N HIS A 2 15.11 -12.09 22.13
CA HIS A 2 15.16 -13.38 21.45
C HIS A 2 16.39 -13.56 20.58
N MET A 3 17.36 -12.65 20.65
CA MET A 3 18.60 -12.80 19.89
C MET A 3 19.70 -13.34 20.80
N LYS A 4 20.41 -14.35 20.30
CA LYS A 4 21.45 -15.04 21.05
C LYS A 4 22.85 -14.50 20.75
N LYS A 5 23.32 -14.65 19.52
CA LYS A 5 24.70 -14.36 19.16
C LYS A 5 24.81 -13.37 18.02
N LEU A 6 25.95 -12.68 17.96
CA LEU A 6 26.34 -11.83 16.84
C LEU A 6 27.58 -12.43 16.20
N ILE A 7 27.49 -12.77 14.91
CA ILE A 7 28.60 -13.31 14.15
C ILE A 7 28.92 -12.31 13.05
N CYS A 8 30.14 -11.79 13.06
CA CYS A 8 30.60 -10.79 12.09
C CYS A 8 31.48 -11.49 11.07
N ILE A 9 31.15 -11.35 9.80
CA ILE A 9 31.85 -12.00 8.71
C ILE A 9 32.41 -10.91 7.80
N SER A 10 33.73 -10.88 7.66
CA SER A 10 34.37 -9.85 6.83
C SER A 10 34.52 -10.45 5.44
N LEU A 11 33.67 -10.02 4.50
CA LEU A 11 33.66 -10.66 3.18
C LEU A 11 34.96 -10.47 2.41
N TYR A 12 35.65 -9.35 2.61
CA TYR A 12 36.83 -9.02 1.82
C TYR A 12 38.12 -9.12 2.63
N GLU A 13 38.08 -9.80 3.78
CA GLU A 13 39.28 -10.10 4.57
C GLU A 13 39.30 -11.59 4.93
N ASP A 14 39.34 -12.43 3.90
CA ASP A 14 39.44 -13.88 4.04
C ASP A 14 38.28 -14.47 4.85
N LEU A 15 37.12 -13.84 4.76
CA LEU A 15 35.91 -14.27 5.49
C LEU A 15 36.17 -14.41 6.99
N SER A 16 37.08 -13.59 7.53
CA SER A 16 37.41 -13.67 8.95
C SER A 16 36.19 -13.38 9.80
N MET A 17 36.03 -14.17 10.87
CA MET A 17 34.83 -14.16 11.70
C MET A 17 35.16 -13.83 13.14
N THR A 18 34.24 -13.09 13.75
CA THR A 18 34.26 -12.76 15.17
C THR A 18 32.85 -12.97 15.70
N THR A 19 32.75 -13.53 16.90
CA THR A 19 31.46 -13.85 17.49
C THR A 19 31.33 -13.20 18.85
N TYR A 20 30.15 -12.65 19.14
CA TYR A 20 29.86 -12.05 20.43
C TYR A 20 28.63 -12.69 21.04
N ASP A 21 28.62 -12.74 22.37
CA ASP A 21 27.44 -13.16 23.12
C ASP A 21 26.60 -11.91 23.37
N LEU A 22 25.41 -11.85 22.75
CA LEU A 22 24.64 -10.61 22.79
C LEU A 22 24.16 -10.28 24.18
N SER A 23 23.97 -11.29 25.03
CA SER A 23 23.57 -11.02 26.41
C SER A 23 24.66 -10.27 27.18
N LYS A 24 25.90 -10.30 26.67
CA LYS A 24 27.01 -9.59 27.27
C LYS A 24 27.33 -8.26 26.60
N VAL A 25 26.60 -7.88 25.56
CA VAL A 25 26.91 -6.69 24.77
C VAL A 25 25.72 -5.73 24.82
N ASP A 26 25.98 -4.48 25.21
CA ASP A 26 24.95 -3.44 25.21
C ASP A 26 24.97 -2.67 23.89
N ASN A 27 23.96 -1.81 23.71
CA ASN A 27 23.80 -1.15 22.41
C ASN A 27 24.99 -0.27 22.06
N ALA A 28 25.60 0.41 23.05
CA ALA A 28 26.76 1.24 22.76
C ALA A 28 27.92 0.40 22.22
N GLU A 29 28.21 -0.75 22.84
CA GLU A 29 29.24 -1.62 22.31
C GLU A 29 28.83 -2.18 20.95
N LEU A 30 27.55 -2.52 20.80
CA LEU A 30 27.08 -3.03 19.51
C LEU A 30 27.29 -2.00 18.40
N ILE A 31 27.01 -0.74 18.70
CA ILE A 31 27.24 0.31 17.70
C ILE A 31 28.71 0.39 17.32
N GLY A 32 29.59 0.34 18.33
CA GLY A 32 31.02 0.39 18.03
C GLY A 32 31.47 -0.74 17.13
N ILE A 33 30.96 -1.94 17.37
CA ILE A 33 31.33 -3.10 16.57
C ILE A 33 30.98 -2.87 15.09
N VAL A 34 29.75 -2.43 14.81
CA VAL A 34 29.34 -2.26 13.42
C VAL A 34 30.03 -1.04 12.79
N GLU A 35 30.29 0.01 13.58
CA GLU A 35 30.96 1.19 13.03
C GLU A 35 32.43 0.92 12.73
N ASN A 36 33.11 0.19 13.61
CA ASN A 36 34.54 -0.06 13.45
C ASN A 36 34.82 -1.13 12.40
N ALA A 37 33.86 -1.98 12.08
CA ALA A 37 34.08 -3.03 11.10
C ALA A 37 34.40 -2.42 9.74
N SER A 38 35.19 -3.15 8.95
CA SER A 38 35.52 -2.67 7.62
C SER A 38 34.34 -2.85 6.68
N GLU A 39 34.39 -2.14 5.55
CA GLU A 39 33.33 -2.30 4.56
C GLU A 39 33.30 -3.73 4.04
N GLY A 40 32.11 -4.15 3.63
CA GLY A 40 31.92 -5.52 3.20
C GLY A 40 31.79 -6.52 4.33
N THR A 41 31.18 -6.14 5.45
CA THR A 41 31.03 -6.99 6.60
C THR A 41 29.55 -7.34 6.82
N LEU A 42 29.28 -8.61 7.15
CA LEU A 42 27.93 -9.06 7.50
C LEU A 42 27.85 -9.24 9.00
N PHE A 43 26.77 -8.74 9.61
CA PHE A 43 26.50 -8.91 11.03
C PHE A 43 25.28 -9.81 11.17
N VAL A 44 25.51 -11.04 11.62
CA VAL A 44 24.47 -12.06 11.70
C VAL A 44 23.94 -12.11 13.14
N PHE A 45 22.66 -11.79 13.31
CA PHE A 45 21.99 -11.91 14.60
C PHE A 45 21.18 -13.21 14.63
N THR A 46 21.60 -14.16 15.47
CA THR A 46 20.92 -15.45 15.54
C THR A 46 19.80 -15.42 16.59
N CYS A 47 18.88 -16.37 16.46
CA CYS A 47 17.67 -16.39 17.27
C CYS A 47 17.73 -17.42 18.36
N ASP A 48 16.94 -17.17 19.41
CA ASP A 48 16.73 -18.19 20.42
C ASP A 48 15.92 -19.35 19.85
N ARG A 49 14.90 -19.05 19.02
CA ARG A 49 14.09 -20.07 18.38
C ARG A 49 14.01 -19.78 16.88
N PRO A 50 15.07 -20.12 16.14
CA PRO A 50 15.08 -19.84 14.69
C PRO A 50 14.06 -20.70 13.95
N ASN A 51 13.41 -20.12 12.93
CA ASN A 51 12.45 -20.88 12.14
C ASN A 51 13.03 -21.33 10.80
N GLY A 52 14.32 -21.12 10.58
CA GLY A 52 14.97 -21.57 9.36
C GLY A 52 15.06 -20.56 8.26
N SER A 53 14.60 -19.33 8.50
CA SER A 53 14.57 -18.26 7.50
C SER A 53 15.52 -17.14 7.91
N SER A 54 16.02 -16.43 6.90
CA SER A 54 16.98 -15.36 7.12
C SER A 54 16.65 -14.20 6.21
N VAL A 55 17.02 -13.00 6.66
CA VAL A 55 16.97 -11.81 5.82
C VAL A 55 18.29 -11.07 5.91
N ILE A 56 18.80 -10.62 4.75
CA ILE A 56 19.97 -9.77 4.68
C ILE A 56 19.48 -8.34 4.41
N MET A 57 19.72 -7.45 5.36
CA MET A 57 19.33 -6.04 5.24
C MET A 57 20.46 -5.21 4.62
N CYS A 58 20.13 -4.47 3.58
CA CYS A 58 21.04 -3.51 2.99
C CYS A 58 20.57 -2.12 3.39
N PRO A 59 21.26 -1.44 4.31
CA PRO A 59 20.78 -0.14 4.79
C PRO A 59 20.89 0.93 3.71
N GLY A 60 20.30 2.09 4.00
CA GLY A 60 20.48 3.27 3.18
C GLY A 60 21.78 3.98 3.55
N GLY A 61 21.89 5.23 3.10
CA GLY A 61 23.09 5.99 3.37
C GLY A 61 23.63 6.75 2.17
N GLY A 62 22.88 6.77 1.07
CA GLY A 62 23.22 7.60 -0.08
C GLY A 62 24.55 7.28 -0.74
N PHE A 63 25.04 6.05 -0.58
CA PHE A 63 26.34 5.66 -1.11
C PHE A 63 27.47 6.53 -0.53
N LEU A 64 27.22 7.08 0.66
CA LEU A 64 28.23 7.79 1.45
C LEU A 64 28.70 6.97 2.63
N LYS A 65 27.77 6.21 3.19
CA LYS A 65 27.96 5.35 4.35
C LYS A 65 26.75 4.41 4.39
N THR A 66 26.67 3.59 5.42
CA THR A 66 25.49 2.77 5.64
C THR A 66 24.85 3.20 6.95
N ASN A 67 23.52 3.31 6.95
CA ASN A 67 22.77 3.70 8.15
C ASN A 67 22.59 2.45 9.02
N LEU A 68 23.69 2.09 9.70
CA LEU A 68 23.80 0.82 10.41
C LEU A 68 22.92 0.72 11.64
N GLU A 69 22.38 1.84 12.13
CA GLU A 69 21.46 1.75 13.25
C GLU A 69 20.01 1.74 12.77
N ASN A 70 19.54 2.90 12.33
CA ASN A 70 18.11 3.08 12.02
C ASN A 70 17.64 2.15 10.92
N GLU A 71 18.49 1.83 9.96
CA GLU A 71 18.16 0.90 8.90
C GLU A 71 19.03 -0.36 9.01
N GLY A 72 19.44 -0.71 10.23
CA GLY A 72 20.33 -1.82 10.48
C GLY A 72 20.03 -2.57 11.77
N ILE A 73 20.89 -2.38 12.79
CA ILE A 73 20.78 -3.14 14.03
C ILE A 73 19.48 -2.86 14.80
N ASP A 74 18.86 -1.71 14.57
CA ASP A 74 17.62 -1.40 15.27
C ASP A 74 16.48 -2.36 14.92
N PHE A 75 16.56 -3.08 13.80
CA PHE A 75 15.57 -4.10 13.45
C PHE A 75 15.86 -5.48 14.03
N ALA A 76 17.02 -5.70 14.63
CA ALA A 76 17.44 -7.05 14.95
C ALA A 76 16.50 -7.71 15.95
N GLU A 77 16.13 -7.00 17.02
CA GLU A 77 15.26 -7.62 18.01
C GLU A 77 13.91 -7.97 17.40
N TRP A 78 13.42 -7.10 16.50
CA TRP A 78 12.11 -7.34 15.89
C TRP A 78 12.12 -8.61 15.05
N PHE A 79 13.19 -8.82 14.28
CA PHE A 79 13.24 -10.00 13.41
C PHE A 79 13.50 -11.27 14.20
N THR A 80 14.49 -11.24 15.09
CA THR A 80 14.81 -12.47 15.84
C THR A 80 13.65 -12.91 16.70
N LYS A 81 12.81 -11.98 17.15
CA LYS A 81 11.64 -12.33 17.94
C LYS A 81 10.70 -13.25 17.17
N LEU A 82 10.63 -13.09 15.84
CA LEU A 82 9.83 -13.94 14.98
C LEU A 82 10.57 -15.21 14.54
N GLY A 83 11.78 -15.46 15.05
CA GLY A 83 12.55 -16.61 14.63
C GLY A 83 13.26 -16.45 13.30
N ILE A 84 13.36 -15.23 12.80
CA ILE A 84 13.97 -14.94 11.51
C ILE A 84 15.40 -14.48 11.79
N THR A 85 16.38 -15.19 11.23
CA THR A 85 17.77 -14.79 11.41
C THR A 85 18.05 -13.51 10.64
N TYR A 86 18.61 -12.51 11.31
CA TYR A 86 18.70 -11.16 10.76
C TYR A 86 20.14 -10.75 10.52
N ILE A 87 20.43 -10.33 9.28
CA ILE A 87 21.81 -10.06 8.84
C ILE A 87 21.90 -8.65 8.29
N VAL A 88 22.68 -7.80 8.95
CA VAL A 88 22.91 -6.44 8.47
C VAL A 88 24.16 -6.43 7.58
N PHE A 89 24.02 -5.90 6.37
CA PHE A 89 25.11 -5.90 5.40
C PHE A 89 25.73 -4.52 5.35
N LYS A 90 26.93 -4.39 5.91
CA LYS A 90 27.68 -3.14 5.76
C LYS A 90 28.40 -3.25 4.42
N TYR A 91 27.67 -2.91 3.36
CA TYR A 91 28.22 -3.11 2.02
C TYR A 91 29.22 -2.01 1.66
N ARG A 92 29.93 -2.23 0.56
CA ARG A 92 30.97 -1.32 0.11
C ARG A 92 30.38 -0.11 -0.60
N MET A 93 31.04 1.03 -0.44
CA MET A 93 30.66 2.16 -1.29
C MET A 93 31.22 1.96 -2.69
N PRO A 94 30.44 2.28 -3.73
CA PRO A 94 30.90 1.94 -5.10
C PRO A 94 32.08 2.77 -5.58
N HIS A 95 32.17 4.04 -5.18
CA HIS A 95 33.25 4.93 -5.56
C HIS A 95 33.51 4.92 -7.07
N GLY A 96 32.42 5.04 -7.83
CA GLY A 96 32.51 5.16 -9.28
C GLY A 96 32.57 3.86 -10.06
N ASN A 97 32.59 2.71 -9.39
CA ASN A 97 32.49 1.42 -10.07
C ASN A 97 31.07 0.90 -9.91
N PRO A 98 30.23 0.98 -10.96
CA PRO A 98 28.82 0.65 -10.79
C PRO A 98 28.54 -0.83 -10.62
N ASP A 99 29.53 -1.69 -10.80
CA ASP A 99 29.33 -3.12 -10.60
C ASP A 99 29.56 -3.55 -9.16
N VAL A 100 29.91 -2.62 -8.26
CA VAL A 100 30.13 -2.98 -6.86
C VAL A 100 28.86 -3.49 -6.19
N PRO A 101 27.67 -2.88 -6.39
CA PRO A 101 26.47 -3.47 -5.76
C PRO A 101 26.20 -4.89 -6.20
N GLU A 102 26.35 -5.20 -7.48
CA GLU A 102 26.17 -6.59 -7.92
C GLU A 102 27.17 -7.52 -7.26
N GLN A 103 28.44 -7.10 -7.21
CA GLN A 103 29.48 -7.93 -6.59
C GLN A 103 29.17 -8.19 -5.13
N ASP A 104 28.76 -7.16 -4.39
CA ASP A 104 28.50 -7.32 -2.96
C ASP A 104 27.30 -8.23 -2.72
N THR A 105 26.19 -8.01 -3.42
CA THR A 105 25.00 -8.82 -3.16
C THR A 105 25.22 -10.29 -3.52
N ARG A 106 25.87 -10.55 -4.66
CA ARG A 106 26.14 -11.94 -5.02
C ARG A 106 27.00 -12.62 -3.98
N LEU A 107 28.04 -11.94 -3.51
CA LEU A 107 28.94 -12.55 -2.53
C LEU A 107 28.22 -12.75 -1.19
N ALA A 108 27.46 -11.74 -0.75
CA ALA A 108 26.76 -11.86 0.52
C ALA A 108 25.78 -13.04 0.50
N LEU A 109 24.98 -13.16 -0.57
CA LEU A 109 24.04 -14.27 -0.66
C LEU A 109 24.77 -15.62 -0.69
N LYS A 110 25.86 -15.71 -1.48
CA LYS A 110 26.62 -16.95 -1.59
C LYS A 110 27.20 -17.36 -0.24
N VAL A 111 27.78 -16.41 0.49
CA VAL A 111 28.43 -16.73 1.76
C VAL A 111 27.39 -17.14 2.80
N VAL A 112 26.27 -16.42 2.86
CA VAL A 112 25.22 -16.77 3.83
C VAL A 112 24.69 -18.17 3.55
N ARG A 113 24.45 -18.49 2.28
CA ARG A 113 23.97 -19.82 1.92
C ARG A 113 25.01 -20.90 2.29
N GLU A 114 26.29 -20.59 2.11
CA GLU A 114 27.35 -21.56 2.40
C GLU A 114 27.54 -21.76 3.91
N LYS A 115 27.59 -20.67 4.66
CA LYS A 115 27.92 -20.75 6.09
C LYS A 115 26.73 -21.13 6.97
N PHE A 116 25.51 -20.77 6.55
CA PHE A 116 24.31 -20.98 7.36
C PHE A 116 23.19 -21.63 6.54
N PRO A 117 23.40 -22.86 6.06
CA PRO A 117 22.28 -23.53 5.37
C PRO A 117 21.09 -23.76 6.27
N GLU A 118 21.32 -23.95 7.57
CA GLU A 118 20.23 -24.16 8.52
C GLU A 118 19.29 -22.95 8.60
N PHE A 119 19.75 -21.77 8.24
CA PHE A 119 18.95 -20.56 8.27
C PHE A 119 18.49 -20.10 6.88
N CYS A 120 18.68 -20.91 5.85
CA CYS A 120 18.37 -20.52 4.49
C CYS A 120 17.27 -21.35 3.85
N ASP A 121 16.35 -21.92 4.64
CA ASP A 121 15.18 -22.53 4.04
C ASP A 121 14.48 -21.52 3.15
N LYS A 122 14.33 -20.30 3.66
CA LYS A 122 14.01 -19.13 2.86
C LYS A 122 15.03 -18.06 3.19
N LEU A 123 15.66 -17.50 2.16
CA LEU A 123 16.66 -16.43 2.33
C LEU A 123 16.18 -15.19 1.58
N GLY A 124 15.85 -14.14 2.33
CA GLY A 124 15.36 -12.94 1.69
C GLY A 124 16.31 -11.78 1.81
N VAL A 125 16.12 -10.72 1.02
CA VAL A 125 16.93 -9.54 1.26
C VAL A 125 16.03 -8.34 1.46
N MET A 126 16.48 -7.44 2.32
CA MET A 126 15.81 -6.22 2.68
C MET A 126 16.70 -5.04 2.30
N GLY A 127 16.07 -3.94 1.89
CA GLY A 127 16.88 -2.80 1.54
C GLY A 127 16.09 -1.52 1.74
N ALA A 128 16.74 -0.52 2.32
CA ALA A 128 16.13 0.79 2.54
C ALA A 128 16.86 1.82 1.70
N SER A 129 16.11 2.69 1.03
CA SER A 129 16.66 3.79 0.23
C SER A 129 17.56 3.21 -0.85
N ILE A 130 18.80 3.68 -1.02
CA ILE A 130 19.71 3.12 -2.02
C ILE A 130 20.05 1.67 -1.69
N GLY A 131 19.89 1.25 -0.44
CA GLY A 131 19.99 -0.16 -0.13
C GLY A 131 18.96 -1.01 -0.84
N GLY A 132 17.78 -0.43 -1.11
CA GLY A 132 16.78 -1.07 -1.93
C GLY A 132 17.20 -1.27 -3.36
N TYR A 133 18.17 -0.50 -3.83
CA TYR A 133 18.73 -0.79 -5.15
C TYR A 133 19.50 -2.11 -5.12
N LEU A 134 20.31 -2.32 -4.08
CA LEU A 134 20.96 -3.62 -3.94
C LEU A 134 19.92 -4.73 -3.80
N ALA A 135 18.89 -4.49 -3.00
CA ALA A 135 17.86 -5.51 -2.79
C ALA A 135 17.11 -5.85 -4.07
N THR A 136 16.65 -4.85 -4.81
CA THR A 136 15.92 -5.14 -6.05
C THR A 136 16.85 -5.67 -7.13
N PHE A 137 18.10 -5.21 -7.18
CA PHE A 137 19.07 -5.79 -8.11
C PHE A 137 19.18 -7.29 -7.88
N SER A 138 19.28 -7.68 -6.61
CA SER A 138 19.44 -9.10 -6.30
C SER A 138 18.20 -9.88 -6.73
N ALA A 139 17.03 -9.25 -6.71
CA ALA A 139 15.78 -9.92 -7.08
C ALA A 139 15.51 -9.96 -8.57
N THR A 140 16.30 -9.26 -9.39
CA THR A 140 15.99 -9.11 -10.81
C THR A 140 17.16 -9.46 -11.71
N LEU A 141 18.34 -8.89 -11.44
CA LEU A 141 19.49 -9.05 -12.33
C LEU A 141 20.42 -10.19 -11.94
N LEU A 142 20.19 -10.85 -10.81
CA LEU A 142 20.95 -12.06 -10.52
C LEU A 142 20.32 -13.27 -11.22
N PRO A 143 21.09 -14.34 -11.43
CA PRO A 143 20.51 -15.57 -11.98
C PRO A 143 19.45 -16.12 -11.04
N ASP A 144 18.50 -16.88 -11.60
CA ASP A 144 17.39 -17.37 -10.80
C ASP A 144 17.86 -18.17 -9.60
N ASP A 145 18.89 -19.00 -9.79
CA ASP A 145 19.38 -19.84 -8.68
C ASP A 145 20.07 -19.02 -7.60
N GLU A 146 20.46 -17.79 -7.90
CA GLU A 146 21.04 -16.90 -6.89
C GLU A 146 20.04 -15.90 -6.32
N LYS A 147 18.90 -15.68 -6.96
CA LYS A 147 17.94 -14.72 -6.45
C LYS A 147 17.47 -15.12 -5.04
N PRO A 148 17.17 -14.14 -4.20
CA PRO A 148 16.61 -14.46 -2.88
C PRO A 148 15.17 -14.94 -3.03
N ASP A 149 14.63 -15.50 -1.94
CA ASP A 149 13.28 -16.05 -1.95
C ASP A 149 12.20 -15.02 -1.73
N PHE A 150 12.54 -13.85 -1.19
CA PHE A 150 11.58 -12.76 -1.01
C PHE A 150 12.37 -11.48 -0.89
N GLN A 151 11.70 -10.35 -1.07
CA GLN A 151 12.38 -9.06 -1.03
C GLN A 151 11.52 -8.05 -0.27
N ILE A 152 12.17 -7.28 0.61
CA ILE A 152 11.53 -6.26 1.44
C ILE A 152 12.16 -4.91 1.14
N LEU A 153 11.34 -3.97 0.64
CA LEU A 153 11.88 -2.70 0.16
C LEU A 153 11.26 -1.54 0.92
N MET A 154 12.11 -0.69 1.48
CA MET A 154 11.69 0.52 2.18
C MET A 154 12.20 1.70 1.38
N TYR A 155 11.27 2.53 0.88
CA TYR A 155 11.50 3.70 0.03
C TYR A 155 12.67 3.45 -0.92
N PRO A 156 12.61 2.38 -1.72
CA PRO A 156 13.76 1.98 -2.53
C PRO A 156 13.97 2.85 -3.75
N VAL A 157 15.22 2.84 -4.20
CA VAL A 157 15.58 3.27 -5.54
C VAL A 157 15.60 2.03 -6.41
N VAL A 158 14.81 2.00 -7.49
CA VAL A 158 14.68 0.80 -8.29
C VAL A 158 15.19 0.98 -9.72
N SER A 159 15.80 2.13 -10.02
CA SER A 159 16.17 2.46 -11.38
C SER A 159 17.29 3.49 -11.37
N VAL A 160 18.10 3.52 -12.44
CA VAL A 160 19.03 4.62 -12.65
C VAL A 160 18.53 5.56 -13.74
N ASP A 161 17.32 5.33 -14.25
CA ASP A 161 16.74 6.23 -15.23
C ASP A 161 16.49 7.58 -14.61
N ASP A 162 16.67 8.65 -15.41
CA ASP A 162 16.43 10.02 -14.94
C ASP A 162 15.06 10.19 -14.31
N ARG A 163 14.06 9.50 -14.85
CA ARG A 163 12.68 9.67 -14.41
C ARG A 163 12.48 9.25 -12.95
N LEU A 164 13.27 8.28 -12.46
CA LEU A 164 13.05 7.74 -11.13
C LEU A 164 14.23 7.86 -10.18
N THR A 165 15.45 7.98 -10.69
CA THR A 165 16.61 7.72 -9.86
C THR A 165 16.90 8.87 -8.88
N HIS A 166 17.78 8.57 -7.94
CA HIS A 166 18.36 9.54 -7.01
C HIS A 166 19.70 9.95 -7.58
N PHE A 167 19.79 11.18 -8.09
CA PHE A 167 20.95 11.58 -8.88
C PHE A 167 22.25 11.56 -8.10
N PRO A 168 22.32 12.05 -6.86
CA PRO A 168 23.61 11.92 -6.13
C PRO A 168 24.04 10.47 -5.98
N CYS A 169 23.12 9.54 -5.72
CA CYS A 169 23.54 8.13 -5.65
C CYS A 169 24.05 7.65 -7.00
N ARG A 170 23.38 8.03 -8.09
CA ARG A 170 23.82 7.55 -9.40
C ARG A 170 25.21 8.07 -9.73
N GLU A 171 25.50 9.33 -9.36
CA GLU A 171 26.83 9.89 -9.64
C GLU A 171 27.91 9.18 -8.80
N ARG A 172 27.61 8.87 -7.55
CA ARG A 172 28.56 8.13 -6.73
C ARG A 172 28.79 6.74 -7.28
N MET A 173 27.75 6.15 -7.86
CA MET A 173 27.84 4.81 -8.40
C MET A 173 28.65 4.79 -9.70
N PHE A 174 28.50 5.80 -10.55
CA PHE A 174 29.12 5.78 -11.86
C PHE A 174 30.29 6.75 -12.04
N GLY A 175 30.51 7.67 -11.10
CA GLY A 175 31.47 8.73 -11.37
C GLY A 175 30.95 9.65 -12.47
N HIS A 176 31.69 9.78 -13.57
CA HIS A 176 31.22 10.47 -14.76
C HIS A 176 30.85 9.50 -15.86
N SER A 177 30.85 8.20 -15.57
CA SER A 177 30.68 7.21 -16.63
C SER A 177 29.22 6.94 -16.99
N TYR A 178 28.26 7.48 -16.24
CA TYR A 178 26.87 7.19 -16.58
C TYR A 178 26.49 7.79 -17.92
N SER A 179 25.78 6.99 -18.71
CA SER A 179 25.18 7.39 -19.98
C SER A 179 23.82 6.71 -20.09
N PRO A 180 22.88 7.32 -20.82
CA PRO A 180 21.53 6.73 -20.91
C PRO A 180 21.51 5.34 -21.52
N ASP A 181 22.51 4.98 -22.33
CA ASP A 181 22.53 3.61 -22.86
C ASP A 181 22.80 2.59 -21.77
N LYS A 182 23.31 3.00 -20.62
CA LYS A 182 23.52 2.09 -19.50
C LYS A 182 22.28 1.92 -18.64
N MET A 183 21.17 2.57 -18.98
CA MET A 183 20.01 2.56 -18.08
C MET A 183 19.50 1.13 -17.85
N GLU A 184 19.29 0.37 -18.94
CA GLU A 184 18.63 -0.91 -18.81
C GLU A 184 19.46 -1.90 -18.00
N GLN A 185 20.77 -1.97 -18.27
CA GLN A 185 21.62 -2.94 -17.59
C GLN A 185 21.73 -2.66 -16.10
N TYR A 186 21.38 -1.45 -15.64
CA TYR A 186 21.51 -1.11 -14.23
C TYR A 186 20.18 -0.72 -13.58
N SER A 187 19.04 -1.07 -14.19
CA SER A 187 17.75 -0.73 -13.59
C SER A 187 16.96 -1.98 -13.26
N PRO A 188 16.85 -2.34 -11.98
CA PRO A 188 16.12 -3.56 -11.61
C PRO A 188 14.68 -3.59 -12.10
N ILE A 189 14.00 -2.44 -12.12
CA ILE A 189 12.61 -2.40 -12.54
C ILE A 189 12.45 -2.86 -13.99
N GLU A 190 13.52 -2.81 -14.76
CA GLU A 190 13.51 -3.27 -16.14
C GLU A 190 13.81 -4.75 -16.29
N HIS A 191 14.00 -5.48 -15.19
CA HIS A 191 14.41 -6.87 -15.28
C HIS A 191 13.54 -7.77 -14.42
N ILE A 192 12.28 -7.38 -14.22
CA ILE A 192 11.34 -8.24 -13.54
C ILE A 192 11.01 -9.42 -14.44
N THR A 193 11.13 -10.62 -13.89
CA THR A 193 10.92 -11.84 -14.65
C THR A 193 10.14 -12.83 -13.78
N SER A 194 9.84 -13.99 -14.36
CA SER A 194 9.04 -14.98 -13.63
C SER A 194 9.74 -15.46 -12.38
N GLY A 195 11.07 -15.44 -12.37
CA GLY A 195 11.83 -15.81 -11.18
C GLY A 195 11.91 -14.77 -10.10
N THR A 196 11.48 -13.55 -10.37
CA THR A 196 11.59 -12.48 -9.38
C THR A 196 10.73 -12.79 -8.15
N PRO A 197 11.27 -12.68 -6.95
CA PRO A 197 10.54 -13.11 -5.75
C PRO A 197 9.47 -12.13 -5.29
N ALA A 198 8.54 -12.69 -4.51
CA ALA A 198 7.48 -11.92 -3.88
C ALA A 198 8.06 -10.77 -3.07
N ALA A 199 7.34 -9.64 -3.04
CA ALA A 199 7.88 -8.39 -2.53
C ALA A 199 6.97 -7.76 -1.50
N PHE A 200 7.60 -7.15 -0.50
CA PHE A 200 6.94 -6.24 0.43
C PHE A 200 7.55 -4.87 0.21
N ILE A 201 6.70 -3.86 -0.02
CA ILE A 201 7.17 -2.53 -0.38
C ILE A 201 6.47 -1.49 0.49
N VAL A 202 7.25 -0.61 1.12
CA VAL A 202 6.66 0.43 1.97
C VAL A 202 7.39 1.76 1.71
N ALA A 203 6.62 2.85 1.69
CA ALA A 203 7.17 4.19 1.52
C ALA A 203 6.14 5.20 1.99
N ALA A 204 6.57 6.45 2.08
CA ALA A 204 5.69 7.56 2.43
C ALA A 204 5.48 8.49 1.23
N ALA A 205 4.23 8.93 1.03
CA ALA A 205 3.94 9.72 -0.17
C ALA A 205 4.66 11.06 -0.21
N ASP A 206 5.04 11.61 0.95
CA ASP A 206 5.72 12.90 0.99
C ASP A 206 7.24 12.76 0.94
N ASP A 207 7.74 11.58 0.61
CA ASP A 207 9.18 11.35 0.49
C ASP A 207 9.81 12.36 -0.47
N ALA A 208 10.73 13.18 0.04
CA ALA A 208 11.38 14.23 -0.73
C ALA A 208 12.80 13.87 -1.16
N VAL A 209 13.24 12.66 -0.84
CA VAL A 209 14.54 12.17 -1.30
C VAL A 209 14.41 11.32 -2.55
N VAL A 210 13.55 10.30 -2.49
CA VAL A 210 13.33 9.35 -3.57
C VAL A 210 11.85 9.33 -3.90
N SER A 211 11.53 9.50 -5.17
CA SER A 211 10.10 9.53 -5.53
C SER A 211 9.44 8.23 -5.11
N PRO A 212 8.31 8.27 -4.40
CA PRO A 212 7.60 7.03 -4.08
C PRO A 212 7.09 6.31 -5.31
N LEU A 213 7.16 6.93 -6.49
CA LEU A 213 6.86 6.16 -7.69
C LEU A 213 7.86 5.04 -7.92
N ASN A 214 9.05 5.11 -7.32
CA ASN A 214 9.97 3.97 -7.36
C ASN A 214 9.30 2.71 -6.82
N GLY A 215 8.85 2.76 -5.57
CA GLY A 215 8.18 1.60 -5.00
C GLY A 215 6.87 1.29 -5.70
N ILE A 216 6.11 2.33 -6.06
CA ILE A 216 4.77 2.11 -6.62
C ILE A 216 4.87 1.47 -7.99
N MET A 217 5.73 2.00 -8.85
CA MET A 217 5.85 1.44 -10.19
C MET A 217 6.58 0.10 -10.20
N TYR A 218 7.53 -0.10 -9.28
CA TYR A 218 8.12 -1.42 -9.13
C TYR A 218 7.06 -2.44 -8.76
N ALA A 219 6.22 -2.11 -7.78
CA ALA A 219 5.12 -3.00 -7.40
C ALA A 219 4.16 -3.22 -8.55
N ALA A 220 3.85 -2.15 -9.30
CA ALA A 220 2.91 -2.29 -10.41
C ALA A 220 3.46 -3.26 -11.46
N ARG A 221 4.76 -3.17 -11.75
CA ARG A 221 5.33 -4.06 -12.75
C ARG A 221 5.47 -5.49 -12.22
N LEU A 222 5.73 -5.65 -10.92
CA LEU A 222 5.68 -6.98 -10.32
C LEU A 222 4.30 -7.59 -10.45
N GLN A 223 3.27 -6.80 -10.13
CA GLN A 223 1.90 -7.33 -10.20
C GLN A 223 1.56 -7.75 -11.62
N LYS A 224 1.93 -6.95 -12.61
CA LYS A 224 1.67 -7.30 -14.01
C LYS A 224 2.36 -8.61 -14.39
N ALA A 225 3.50 -8.91 -13.76
CA ALA A 225 4.23 -10.13 -14.02
C ALA A 225 3.76 -11.30 -13.16
N ASP A 226 2.65 -11.13 -12.44
CA ASP A 226 2.09 -12.14 -11.54
C ASP A 226 3.04 -12.48 -10.37
N ILE A 227 3.81 -11.52 -9.90
CA ILE A 227 4.62 -11.69 -8.70
C ILE A 227 3.81 -11.12 -7.53
N PRO A 228 3.59 -11.89 -6.46
CA PRO A 228 2.77 -11.39 -5.35
C PRO A 228 3.39 -10.16 -4.70
N ILE A 229 2.54 -9.17 -4.40
CA ILE A 229 3.02 -7.94 -3.77
C ILE A 229 2.20 -7.62 -2.53
N SER A 230 2.88 -7.01 -1.57
CA SER A 230 2.27 -6.34 -0.43
C SER A 230 2.82 -4.92 -0.44
N LEU A 231 1.98 -3.94 -0.81
CA LEU A 231 2.43 -2.58 -1.05
C LEU A 231 1.74 -1.64 -0.10
N HIS A 232 2.53 -0.81 0.61
CA HIS A 232 1.96 0.11 1.58
C HIS A 232 2.56 1.49 1.45
N ILE A 233 1.77 2.43 0.96
CA ILE A 233 2.18 3.82 0.86
C ILE A 233 1.39 4.61 1.90
N TYR A 234 2.11 5.25 2.82
CA TYR A 234 1.48 6.09 3.82
C TYR A 234 1.52 7.55 3.39
N PRO A 235 0.52 8.35 3.78
CA PRO A 235 0.44 9.73 3.25
C PRO A 235 1.54 10.62 3.73
N ALA A 236 2.11 10.35 4.92
CA ALA A 236 3.16 11.18 5.49
C ALA A 236 4.19 10.27 6.14
N GLY A 237 5.37 10.84 6.44
CA GLY A 237 6.43 10.17 7.16
C GLY A 237 7.84 10.41 6.63
N GLY A 238 7.93 10.81 5.37
CA GLY A 238 9.21 11.14 4.76
C GLY A 238 10.08 9.93 4.45
N HIS A 239 11.25 10.24 3.92
CA HIS A 239 12.25 9.25 3.60
C HIS A 239 12.94 8.81 4.88
N GLY A 240 13.44 7.58 4.88
CA GLY A 240 14.35 7.15 5.93
C GLY A 240 13.78 6.99 7.31
N PHE A 241 12.50 6.62 7.43
CA PHE A 241 11.91 6.42 8.74
C PHE A 241 12.49 5.21 9.47
N GLY A 242 12.95 4.19 8.73
CA GLY A 242 13.63 3.08 9.39
C GLY A 242 12.79 2.50 10.52
N TYR A 243 13.42 2.33 11.68
CA TYR A 243 12.75 1.83 12.87
C TYR A 243 12.34 2.96 13.82
N ASN A 244 12.42 4.22 13.39
CA ASN A 244 12.16 5.34 14.29
C ASN A 244 10.74 5.31 14.86
N ASP A 245 10.62 5.56 16.17
CA ASP A 245 9.30 5.75 16.77
C ASP A 245 8.64 7.03 16.31
N SER A 246 9.43 8.02 15.85
CA SER A 246 8.85 9.28 15.37
C SER A 246 7.99 9.10 14.12
N PHE A 247 8.05 7.96 13.45
CA PHE A 247 7.17 7.69 12.31
C PHE A 247 5.78 7.36 12.82
N VAL A 248 4.78 8.21 12.50
CA VAL A 248 3.46 8.05 13.09
C VAL A 248 2.82 6.72 12.68
N TYR A 249 3.28 6.11 11.59
CA TYR A 249 2.76 4.84 11.14
C TYR A 249 3.66 3.64 11.49
N LYS A 250 4.56 3.77 12.47
CA LYS A 250 5.51 2.69 12.74
C LYS A 250 4.81 1.38 13.09
N GLN A 251 3.86 1.41 14.02
CA GLN A 251 3.20 0.16 14.41
C GLN A 251 2.37 -0.41 13.26
N GLU A 252 1.78 0.47 12.45
CA GLU A 252 0.95 0.00 11.34
C GLU A 252 1.79 -0.77 10.31
N TRP A 253 2.90 -0.17 9.86
CA TRP A 253 3.67 -0.81 8.80
C TRP A 253 4.43 -2.04 9.29
N LEU A 254 4.89 -2.04 10.54
CA LEU A 254 5.50 -3.25 11.11
C LEU A 254 4.47 -4.36 11.27
N GLN A 255 3.24 -4.02 11.63
CA GLN A 255 2.20 -5.05 11.68
C GLN A 255 1.97 -5.62 10.30
N GLU A 256 1.96 -4.76 9.27
CA GLU A 256 1.85 -5.26 7.90
C GLU A 256 3.01 -6.20 7.56
N LEU A 257 4.23 -5.80 7.92
CA LEU A 257 5.40 -6.63 7.61
C LEU A 257 5.33 -7.96 8.32
N GLY A 258 4.98 -7.96 9.60
CA GLY A 258 4.84 -9.19 10.35
C GLY A 258 3.81 -10.14 9.78
N GLU A 259 2.63 -9.61 9.40
CA GLU A 259 1.63 -10.48 8.77
C GLU A 259 2.13 -11.02 7.45
N TRP A 260 2.84 -10.21 6.68
CA TRP A 260 3.36 -10.64 5.39
C TRP A 260 4.37 -11.78 5.55
N LEU A 261 5.29 -11.62 6.50
CA LEU A 261 6.32 -12.63 6.72
C LEU A 261 5.71 -13.96 7.12
N ALA A 262 4.67 -13.93 7.94
CA ALA A 262 4.00 -15.15 8.40
C ALA A 262 3.36 -15.91 7.25
N LYS A 263 2.89 -15.21 6.21
CA LYS A 263 2.18 -15.85 5.12
C LYS A 263 3.08 -16.18 3.94
N LEU A 264 4.40 -16.07 4.09
CA LEU A 264 5.29 -16.46 3.02
C LEU A 264 5.25 -17.97 2.85
N SER B 1 -13.11 -33.49 17.25
CA SER B 1 -12.52 -33.65 15.93
C SER B 1 -12.71 -35.08 15.41
N HIS B 2 -12.87 -35.22 14.10
CA HIS B 2 -13.09 -36.51 13.47
C HIS B 2 -11.93 -36.98 12.62
N MET B 3 -10.91 -36.15 12.44
CA MET B 3 -9.76 -36.51 11.63
C MET B 3 -8.64 -37.02 12.54
N LYS B 4 -8.11 -38.20 12.20
CA LYS B 4 -7.13 -38.90 13.02
C LYS B 4 -5.71 -38.49 12.62
N LYS B 5 -5.31 -38.83 11.41
CA LYS B 5 -3.94 -38.67 10.98
C LYS B 5 -3.90 -37.80 9.74
N LEU B 6 -2.75 -37.17 9.54
CA LEU B 6 -2.42 -36.46 8.32
C LEU B 6 -1.25 -37.18 7.68
N ILE B 7 -1.43 -37.60 6.43
CA ILE B 7 -0.38 -38.29 5.70
C ILE B 7 0.01 -37.41 4.51
N CYS B 8 1.27 -36.99 4.49
CA CYS B 8 1.77 -36.14 3.43
C CYS B 8 2.58 -36.99 2.47
N ILE B 9 2.21 -36.96 1.19
CA ILE B 9 2.88 -37.72 0.15
C ILE B 9 3.40 -36.74 -0.89
N SER B 10 4.72 -36.72 -1.07
CA SER B 10 5.35 -35.82 -2.04
C SER B 10 5.52 -36.59 -3.34
N LEU B 11 4.65 -36.30 -4.32
CA LEU B 11 4.60 -37.08 -5.56
C LEU B 11 5.89 -36.96 -6.36
N TYR B 12 6.55 -35.80 -6.28
CA TYR B 12 7.73 -35.52 -7.10
C TYR B 12 9.02 -35.52 -6.27
N GLU B 13 8.98 -36.10 -5.07
CA GLU B 13 10.18 -36.32 -4.26
C GLU B 13 10.20 -37.78 -3.79
N ASP B 14 10.21 -38.70 -4.76
CA ASP B 14 10.32 -40.12 -4.50
C ASP B 14 9.20 -40.64 -3.60
N LEU B 15 8.01 -40.03 -3.72
CA LEU B 15 6.84 -40.42 -2.92
C LEU B 15 7.15 -40.42 -1.42
N SER B 16 8.02 -39.51 -0.98
CA SER B 16 8.40 -39.47 0.43
C SER B 16 7.18 -39.17 1.29
N MET B 17 7.08 -39.86 2.43
CA MET B 17 5.85 -39.79 3.21
C MET B 17 6.17 -39.35 4.63
N THR B 18 5.31 -38.50 5.17
CA THR B 18 5.39 -38.05 6.55
C THR B 18 4.00 -38.15 7.16
N THR B 19 3.92 -38.59 8.41
CA THR B 19 2.62 -38.78 9.05
C THR B 19 2.56 -38.02 10.36
N TYR B 20 1.44 -37.35 10.60
CA TYR B 20 1.23 -36.61 11.82
C TYR B 20 -0.01 -37.14 12.54
N ASP B 21 0.04 -37.08 13.87
CA ASP B 21 -1.12 -37.34 14.71
C ASP B 21 -1.83 -36.01 14.88
N LEU B 22 -3.01 -35.87 14.29
CA LEU B 22 -3.68 -34.58 14.25
C LEU B 22 -4.08 -34.11 15.64
N SER B 23 -4.21 -35.04 16.60
CA SER B 23 -4.50 -34.64 17.98
C SER B 23 -3.39 -33.79 18.56
N LYS B 24 -2.19 -33.84 17.99
CA LYS B 24 -1.05 -33.03 18.42
C LYS B 24 -0.79 -31.80 17.55
N VAL B 25 -1.61 -31.54 16.52
CA VAL B 25 -1.31 -30.50 15.53
C VAL B 25 -2.38 -29.42 15.56
N ASP B 26 -1.95 -28.16 15.67
CA ASP B 26 -2.84 -27.02 15.61
C ASP B 26 -3.01 -26.53 14.18
N ASN B 27 -4.00 -25.64 14.00
CA ASN B 27 -4.28 -25.10 12.67
C ASN B 27 -3.09 -24.32 12.16
N ALA B 28 -2.42 -23.56 13.05
CA ALA B 28 -1.25 -22.81 12.62
C ALA B 28 -0.17 -23.77 12.15
N GLU B 29 0.10 -24.82 12.92
CA GLU B 29 1.07 -25.82 12.51
C GLU B 29 0.58 -26.56 11.27
N LEU B 30 -0.71 -26.87 11.19
CA LEU B 30 -1.23 -27.52 10.00
C LEU B 30 -1.07 -26.64 8.77
N ILE B 31 -1.38 -25.34 8.89
CA ILE B 31 -1.18 -24.44 7.76
C ILE B 31 0.29 -24.43 7.37
N GLY B 32 1.19 -24.40 8.35
CA GLY B 32 2.61 -24.46 8.05
C GLY B 32 2.99 -25.72 7.29
N ILE B 33 2.42 -26.86 7.68
CA ILE B 33 2.72 -28.10 6.99
C ILE B 33 2.34 -28.01 5.52
N VAL B 34 1.10 -27.58 5.23
CA VAL B 34 0.67 -27.58 3.83
C VAL B 34 1.36 -26.46 3.06
N GLU B 35 1.63 -25.34 3.71
CA GLU B 35 2.30 -24.23 3.02
C GLU B 35 3.75 -24.55 2.68
N ASN B 36 4.47 -25.17 3.61
CA ASN B 36 5.89 -25.44 3.40
C ASN B 36 6.14 -26.59 2.45
N ALA B 37 5.17 -27.48 2.27
CA ALA B 37 5.35 -28.64 1.38
C ALA B 37 5.61 -28.20 -0.05
N SER B 38 6.35 -29.01 -0.79
CA SER B 38 6.65 -28.66 -2.17
C SER B 38 5.44 -28.94 -3.06
N GLU B 39 5.47 -28.39 -4.27
CA GLU B 39 4.37 -28.63 -5.21
C GLU B 39 4.26 -30.12 -5.53
N GLY B 40 3.05 -30.55 -5.85
CA GLY B 40 2.82 -31.95 -6.10
C GLY B 40 2.73 -32.81 -4.86
N THR B 41 2.15 -32.29 -3.78
CA THR B 41 2.03 -33.04 -2.54
C THR B 41 0.56 -33.33 -2.25
N LEU B 42 0.28 -34.55 -1.79
CA LEU B 42 -1.06 -34.94 -1.35
C LEU B 42 -1.10 -34.92 0.17
N PHE B 43 -2.18 -34.37 0.72
CA PHE B 43 -2.40 -34.32 2.15
C PHE B 43 -3.62 -35.17 2.48
N VAL B 44 -3.39 -36.31 3.11
CA VAL B 44 -4.44 -37.29 3.37
C VAL B 44 -4.92 -37.13 4.81
N PHE B 45 -6.18 -36.74 4.99
CA PHE B 45 -6.81 -36.66 6.30
C PHE B 45 -7.68 -37.90 6.51
N THR B 46 -7.27 -38.77 7.43
CA THR B 46 -7.94 -40.03 7.73
C THR B 46 -9.02 -39.85 8.80
N CYS B 47 -9.97 -40.79 8.86
CA CYS B 47 -11.16 -40.71 9.69
C CYS B 47 -11.06 -41.63 10.91
N ASP B 48 -11.86 -41.30 11.94
CA ASP B 48 -12.04 -42.21 13.06
C ASP B 48 -12.76 -43.49 12.63
N ARG B 49 -13.81 -43.34 11.81
CA ARG B 49 -14.60 -44.46 11.30
C ARG B 49 -14.76 -44.30 9.80
N PRO B 50 -13.76 -44.71 9.02
CA PRO B 50 -13.86 -44.57 7.56
C PRO B 50 -14.94 -45.49 6.98
N ASN B 51 -15.61 -45.01 5.94
CA ASN B 51 -16.63 -45.80 5.26
C ASN B 51 -16.14 -46.39 3.95
N GLY B 52 -14.86 -46.26 3.64
CA GLY B 52 -14.29 -46.81 2.43
C GLY B 52 -14.23 -45.86 1.24
N SER B 53 -14.63 -44.60 1.41
CA SER B 53 -14.66 -43.65 0.30
C SER B 53 -13.67 -42.51 0.54
N SER B 54 -13.19 -41.94 -0.58
CA SER B 54 -12.21 -40.88 -0.55
C SER B 54 -12.53 -39.84 -1.62
N VAL B 55 -12.12 -38.60 -1.35
CA VAL B 55 -12.15 -37.54 -2.34
C VAL B 55 -10.80 -36.82 -2.35
N ILE B 56 -10.29 -36.55 -3.55
CA ILE B 56 -9.11 -35.72 -3.75
C ILE B 56 -9.58 -34.34 -4.18
N MET B 57 -9.34 -33.35 -3.34
CA MET B 57 -9.73 -31.97 -3.64
C MET B 57 -8.62 -31.23 -4.36
N CYS B 58 -8.96 -30.58 -5.48
CA CYS B 58 -8.02 -29.72 -6.19
C CYS B 58 -8.42 -28.28 -5.95
N PRO B 59 -7.69 -27.52 -5.14
CA PRO B 59 -8.11 -26.14 -4.83
C PRO B 59 -8.01 -25.23 -6.03
N GLY B 60 -8.57 -24.03 -5.88
CA GLY B 60 -8.40 -22.98 -6.86
C GLY B 60 -7.07 -22.27 -6.61
N GLY B 61 -6.94 -21.08 -7.21
CA GLY B 61 -5.73 -20.29 -7.03
C GLY B 61 -5.18 -19.67 -8.31
N GLY B 62 -5.94 -19.79 -9.40
CA GLY B 62 -5.60 -19.13 -10.65
C GLY B 62 -4.33 -19.57 -11.31
N PHE B 63 -3.87 -20.79 -11.03
CA PHE B 63 -2.62 -21.33 -11.56
C PHE B 63 -1.43 -20.46 -11.16
N LEU B 64 -1.57 -19.74 -10.06
CA LEU B 64 -0.48 -19.02 -9.44
C LEU B 64 -0.06 -19.64 -8.12
N LYS B 65 -1.02 -20.22 -7.41
CA LYS B 65 -0.83 -20.91 -6.14
C LYS B 65 -2.06 -21.78 -5.92
N THR B 66 -2.12 -22.45 -4.78
CA THR B 66 -3.31 -23.20 -4.40
C THR B 66 -3.91 -22.61 -3.15
N ASN B 67 -5.24 -22.51 -3.13
CA ASN B 67 -6.00 -22.00 -1.99
C ASN B 67 -6.19 -23.14 -0.98
N LEU B 68 -5.09 -23.43 -0.29
CA LEU B 68 -4.98 -24.62 0.54
C LEU B 68 -5.85 -24.58 1.79
N GLU B 69 -6.33 -23.40 2.19
CA GLU B 69 -7.22 -23.35 3.35
C GLU B 69 -8.68 -23.36 2.92
N ASN B 70 -9.15 -22.24 2.33
CA ASN B 70 -10.57 -22.07 2.03
C ASN B 70 -11.11 -23.13 1.08
N GLU B 71 -10.29 -23.58 0.14
CA GLU B 71 -10.65 -24.64 -0.79
C GLU B 71 -9.78 -25.88 -0.58
N GLY B 72 -9.31 -26.07 0.66
CA GLY B 72 -8.43 -27.18 0.99
C GLY B 72 -8.70 -27.73 2.37
N ILE B 73 -7.80 -27.48 3.34
CA ILE B 73 -7.92 -28.12 4.66
C ILE B 73 -9.15 -27.68 5.42
N ASP B 74 -9.74 -26.52 5.08
CA ASP B 74 -10.93 -26.07 5.82
C ASP B 74 -12.11 -27.02 5.64
N PHE B 75 -12.11 -27.84 4.60
CA PHE B 75 -13.14 -28.86 4.38
C PHE B 75 -12.88 -30.17 5.12
N ALA B 76 -11.72 -30.34 5.76
CA ALA B 76 -11.32 -31.66 6.24
C ALA B 76 -12.28 -32.20 7.30
N GLU B 77 -12.62 -31.39 8.30
CA GLU B 77 -13.50 -31.86 9.35
C GLU B 77 -14.86 -32.26 8.80
N TRP B 78 -15.37 -31.50 7.82
CA TRP B 78 -16.69 -31.78 7.28
C TRP B 78 -16.74 -33.15 6.61
N PHE B 79 -15.71 -33.48 5.83
CA PHE B 79 -15.69 -34.76 5.13
C PHE B 79 -15.39 -35.91 6.08
N THR B 80 -14.37 -35.76 6.94
CA THR B 80 -14.00 -36.87 7.81
C THR B 80 -15.12 -37.21 8.80
N LYS B 81 -15.94 -36.22 9.16
CA LYS B 81 -17.08 -36.47 10.04
C LYS B 81 -18.06 -37.45 9.42
N LEU B 82 -18.19 -37.45 8.10
CA LEU B 82 -19.05 -38.38 7.37
C LEU B 82 -18.36 -39.69 7.06
N GLY B 83 -17.14 -39.90 7.54
CA GLY B 83 -16.38 -41.09 7.23
C GLY B 83 -15.69 -41.09 5.89
N ILE B 84 -15.59 -39.95 5.23
CA ILE B 84 -14.96 -39.86 3.92
C ILE B 84 -13.52 -39.39 4.11
N THR B 85 -12.57 -40.18 3.62
CA THR B 85 -11.17 -39.79 3.71
C THR B 85 -10.92 -38.63 2.77
N TYR B 86 -10.33 -37.55 3.28
CA TYR B 86 -10.28 -36.28 2.56
C TYR B 86 -8.84 -35.97 2.21
N ILE B 87 -8.59 -35.73 0.92
CA ILE B 87 -7.22 -35.58 0.42
C ILE B 87 -7.10 -34.25 -0.31
N VAL B 88 -6.27 -33.36 0.20
CA VAL B 88 -6.03 -32.09 -0.47
C VAL B 88 -4.83 -32.23 -1.38
N PHE B 89 -5.00 -31.86 -2.65
CA PHE B 89 -3.95 -31.99 -3.65
C PHE B 89 -3.31 -30.62 -3.89
N LYS B 90 -2.10 -30.43 -3.36
CA LYS B 90 -1.32 -29.24 -3.67
C LYS B 90 -0.61 -29.50 -4.99
N TYR B 91 -1.34 -29.26 -6.07
CA TYR B 91 -0.85 -29.63 -7.40
C TYR B 91 0.17 -28.62 -7.91
N ARG B 92 0.84 -28.98 -8.99
CA ARG B 92 1.88 -28.14 -9.56
C ARG B 92 1.27 -27.05 -10.42
N MET B 93 1.92 -25.88 -10.41
CA MET B 93 1.54 -24.84 -11.34
C MET B 93 2.07 -25.20 -12.72
N PRO B 94 1.28 -25.00 -13.78
CA PRO B 94 1.74 -25.46 -15.10
C PRO B 94 2.90 -24.64 -15.63
N HIS B 95 2.90 -23.33 -15.36
CA HIS B 95 3.98 -22.44 -15.81
C HIS B 95 4.24 -22.62 -17.30
N GLY B 96 3.16 -22.59 -18.09
CA GLY B 96 3.25 -22.66 -19.53
C GLY B 96 3.29 -24.05 -20.12
N ASN B 97 3.31 -25.10 -19.30
CA ASN B 97 3.21 -26.45 -19.85
C ASN B 97 1.77 -26.92 -19.66
N PRO B 98 0.97 -26.99 -20.71
CA PRO B 98 -0.45 -27.29 -20.52
C PRO B 98 -0.72 -28.73 -20.15
N ASP B 99 0.26 -29.62 -20.21
CA ASP B 99 0.00 -31.00 -19.83
C ASP B 99 0.24 -31.27 -18.36
N VAL B 100 0.64 -30.25 -17.58
CA VAL B 100 0.84 -30.46 -16.15
C VAL B 100 -0.44 -30.86 -15.43
N PRO B 101 -1.61 -30.28 -15.71
CA PRO B 101 -2.83 -30.76 -15.02
C PRO B 101 -3.12 -32.24 -15.27
N GLU B 102 -3.00 -32.71 -16.50
CA GLU B 102 -3.21 -34.13 -16.76
C GLU B 102 -2.17 -34.98 -16.02
N GLN B 103 -0.91 -34.58 -16.08
CA GLN B 103 0.13 -35.36 -15.41
C GLN B 103 -0.15 -35.46 -13.92
N ASP B 104 -0.54 -34.35 -13.28
CA ASP B 104 -0.80 -34.34 -11.84
C ASP B 104 -2.00 -35.20 -11.47
N THR B 105 -3.13 -35.05 -12.19
CA THR B 105 -4.35 -35.77 -11.81
C THR B 105 -4.18 -37.27 -12.01
N ARG B 106 -3.58 -37.68 -13.11
CA ARG B 106 -3.35 -39.11 -13.31
C ARG B 106 -2.46 -39.69 -12.23
N LEU B 107 -1.39 -38.98 -11.89
CA LEU B 107 -0.45 -39.48 -10.89
C LEU B 107 -1.11 -39.55 -9.52
N ALA B 108 -1.87 -38.51 -9.15
CA ALA B 108 -2.52 -38.47 -7.85
C ALA B 108 -3.50 -39.63 -7.66
N LEU B 109 -4.35 -39.87 -8.68
CA LEU B 109 -5.33 -40.96 -8.60
C LEU B 109 -4.63 -42.31 -8.53
N LYS B 110 -3.60 -42.52 -9.35
CA LYS B 110 -2.85 -43.76 -9.34
C LYS B 110 -2.24 -44.03 -7.97
N VAL B 111 -1.60 -43.01 -7.39
CA VAL B 111 -0.89 -43.19 -6.13
C VAL B 111 -1.88 -43.45 -4.99
N VAL B 112 -2.98 -42.70 -4.97
CA VAL B 112 -3.96 -42.91 -3.90
C VAL B 112 -4.56 -44.31 -3.98
N ARG B 113 -4.92 -44.76 -5.19
CA ARG B 113 -5.46 -46.11 -5.35
C ARG B 113 -4.42 -47.16 -4.95
N GLU B 114 -3.15 -46.90 -5.26
CA GLU B 114 -2.09 -47.87 -4.95
C GLU B 114 -1.86 -47.96 -3.44
N LYS B 115 -1.78 -46.81 -2.77
CA LYS B 115 -1.41 -46.78 -1.36
C LYS B 115 -2.57 -47.05 -0.41
N PHE B 116 -3.80 -46.65 -0.76
CA PHE B 116 -4.94 -46.72 0.16
C PHE B 116 -6.14 -47.38 -0.50
N PRO B 117 -6.04 -48.67 -0.85
CA PRO B 117 -7.22 -49.35 -1.39
C PRO B 117 -8.38 -49.39 -0.41
N GLU B 118 -8.07 -49.42 0.89
CA GLU B 118 -9.11 -49.45 1.91
C GLU B 118 -10.02 -48.22 1.89
N PHE B 119 -9.53 -47.12 1.32
CA PHE B 119 -10.30 -45.88 1.22
C PHE B 119 -10.80 -45.61 -0.20
N CYS B 120 -10.64 -46.56 -1.12
CA CYS B 120 -10.97 -46.32 -2.52
C CYS B 120 -12.09 -47.22 -3.02
N ASP B 121 -12.99 -47.65 -2.13
CA ASP B 121 -14.20 -48.31 -2.61
C ASP B 121 -14.93 -47.40 -3.58
N LYS B 122 -14.99 -46.11 -3.23
CA LYS B 122 -15.36 -45.05 -4.14
C LYS B 122 -14.29 -43.98 -3.99
N LEU B 123 -13.69 -43.57 -5.11
CA LEU B 123 -12.65 -42.54 -5.11
C LEU B 123 -13.12 -41.41 -6.00
N GLY B 124 -13.40 -40.25 -5.41
CA GLY B 124 -13.89 -39.11 -6.13
C GLY B 124 -12.87 -37.99 -6.24
N VAL B 125 -13.18 -37.03 -7.12
CA VAL B 125 -12.40 -35.79 -7.23
C VAL B 125 -13.30 -34.63 -6.91
N MET B 126 -12.73 -33.64 -6.25
CA MET B 126 -13.37 -32.37 -5.97
C MET B 126 -12.48 -31.27 -6.53
N GLY B 127 -13.09 -30.21 -7.04
CA GLY B 127 -12.28 -29.14 -7.58
C GLY B 127 -13.00 -27.82 -7.51
N ALA B 128 -12.28 -26.76 -7.11
CA ALA B 128 -12.84 -25.42 -7.04
C ALA B 128 -12.11 -24.52 -8.04
N SER B 129 -12.89 -23.75 -8.79
CA SER B 129 -12.35 -22.76 -9.73
C SER B 129 -11.45 -23.48 -10.72
N ILE B 130 -10.20 -23.03 -10.93
CA ILE B 130 -9.33 -23.71 -11.87
C ILE B 130 -9.04 -25.13 -11.39
N GLY B 131 -9.15 -25.39 -10.08
CA GLY B 131 -9.05 -26.77 -9.62
C GLY B 131 -10.14 -27.65 -10.19
N GLY B 132 -11.31 -27.07 -10.46
CA GLY B 132 -12.36 -27.78 -11.16
C GLY B 132 -12.00 -28.15 -12.58
N TYR B 133 -11.04 -27.44 -13.18
CA TYR B 133 -10.54 -27.91 -14.46
C TYR B 133 -9.80 -29.23 -14.30
N LEU B 134 -8.96 -29.36 -13.27
CA LEU B 134 -8.31 -30.64 -13.01
C LEU B 134 -9.33 -31.72 -12.70
N ALA B 135 -10.32 -31.40 -11.89
CA ALA B 135 -11.32 -32.41 -11.52
C ALA B 135 -12.12 -32.87 -12.73
N THR B 136 -12.61 -31.91 -13.54
CA THR B 136 -13.39 -32.33 -14.71
C THR B 136 -12.51 -33.02 -15.74
N PHE B 137 -11.22 -32.64 -15.84
CA PHE B 137 -10.29 -33.33 -16.72
C PHE B 137 -10.21 -34.80 -16.33
N SER B 138 -10.10 -35.07 -15.03
CA SER B 138 -9.98 -36.44 -14.55
C SER B 138 -11.22 -37.28 -14.87
N ALA B 139 -12.38 -36.62 -14.92
CA ALA B 139 -13.67 -37.26 -15.16
C ALA B 139 -13.99 -37.45 -16.63
N THR B 140 -13.17 -36.93 -17.54
CA THR B 140 -13.54 -36.93 -18.95
C THR B 140 -12.40 -37.43 -19.84
N LEU B 141 -11.22 -36.84 -19.68
CA LEU B 141 -10.10 -37.11 -20.57
C LEU B 141 -9.18 -38.23 -20.08
N LEU B 142 -9.37 -38.73 -18.86
CA LEU B 142 -8.61 -39.90 -18.48
C LEU B 142 -9.30 -41.16 -18.98
N PRO B 143 -8.58 -42.27 -19.11
CA PRO B 143 -9.22 -43.53 -19.48
C PRO B 143 -10.24 -43.95 -18.42
N ASP B 144 -11.23 -44.72 -18.86
CA ASP B 144 -12.32 -45.14 -17.98
C ASP B 144 -11.80 -45.81 -16.72
N ASP B 145 -10.74 -46.62 -16.86
CA ASP B 145 -10.17 -47.33 -15.72
C ASP B 145 -9.49 -46.39 -14.74
N GLU B 146 -9.09 -45.19 -15.18
CA GLU B 146 -8.48 -44.21 -14.28
C GLU B 146 -9.45 -43.15 -13.77
N LYS B 147 -10.61 -42.97 -14.42
CA LYS B 147 -11.55 -41.94 -14.00
C LYS B 147 -12.00 -42.17 -12.56
N PRO B 148 -12.26 -41.11 -11.83
CA PRO B 148 -12.80 -41.25 -10.48
C PRO B 148 -14.24 -41.75 -10.52
N ASP B 149 -14.74 -42.12 -9.34
CA ASP B 149 -16.10 -42.65 -9.20
C ASP B 149 -17.17 -41.58 -9.05
N PHE B 150 -16.79 -40.36 -8.66
CA PHE B 150 -17.72 -39.24 -8.59
C PHE B 150 -16.89 -37.96 -8.69
N GLN B 151 -17.56 -36.86 -8.98
CA GLN B 151 -16.85 -35.60 -9.15
C GLN B 151 -17.68 -34.49 -8.50
N ILE B 152 -17.00 -33.63 -7.75
CA ILE B 152 -17.62 -32.51 -7.05
C ILE B 152 -16.99 -31.23 -7.56
N LEU B 153 -17.80 -30.32 -8.14
CA LEU B 153 -17.26 -29.15 -8.79
C LEU B 153 -17.84 -27.89 -8.16
N MET B 154 -16.95 -26.98 -7.76
CA MET B 154 -17.30 -25.69 -7.20
C MET B 154 -16.83 -24.63 -8.17
N TYR B 155 -17.77 -23.84 -8.70
CA TYR B 155 -17.52 -22.80 -9.70
C TYR B 155 -16.39 -23.20 -10.64
N PRO B 156 -16.49 -24.35 -11.32
CA PRO B 156 -15.37 -24.86 -12.09
C PRO B 156 -15.16 -24.15 -13.42
N VAL B 157 -13.92 -24.20 -13.88
CA VAL B 157 -13.57 -23.94 -15.27
C VAL B 157 -13.57 -25.29 -15.98
N VAL B 158 -14.39 -25.43 -17.02
CA VAL B 158 -14.59 -26.71 -17.69
C VAL B 158 -14.13 -26.69 -19.14
N SER B 159 -13.53 -25.61 -19.59
CA SER B 159 -13.20 -25.46 -21.01
C SER B 159 -12.05 -24.46 -21.12
N VAL B 160 -11.30 -24.57 -22.21
CA VAL B 160 -10.34 -23.54 -22.59
C VAL B 160 -10.81 -22.73 -23.78
N ASP B 161 -12.03 -22.97 -24.24
CA ASP B 161 -12.62 -22.18 -25.31
C ASP B 161 -12.81 -20.75 -24.83
N ASP B 162 -12.62 -19.80 -25.76
CA ASP B 162 -12.82 -18.38 -25.48
C ASP B 162 -14.18 -18.12 -24.84
N ARG B 163 -15.20 -18.89 -25.26
CA ARG B 163 -16.57 -18.68 -24.82
C ARG B 163 -16.76 -18.90 -23.33
N LEU B 164 -16.01 -19.82 -22.73
CA LEU B 164 -16.23 -20.18 -21.33
C LEU B 164 -15.02 -19.99 -20.44
N THR B 165 -13.82 -19.97 -21.00
CA THR B 165 -12.64 -20.18 -20.18
C THR B 165 -12.30 -18.96 -19.32
N HIS B 166 -11.36 -19.18 -18.40
CA HIS B 166 -10.78 -18.15 -17.55
C HIS B 166 -9.47 -17.73 -18.21
N PHE B 167 -9.45 -16.53 -18.80
CA PHE B 167 -8.32 -16.18 -19.67
C PHE B 167 -6.98 -16.06 -18.94
N PRO B 168 -6.87 -15.42 -17.77
CA PRO B 168 -5.55 -15.43 -17.11
C PRO B 168 -5.09 -16.84 -16.81
N CYS B 169 -5.99 -17.74 -16.40
CA CYS B 169 -5.59 -19.12 -16.17
C CYS B 169 -5.12 -19.78 -17.46
N ARG B 170 -5.81 -19.56 -18.57
CA ARG B 170 -5.39 -20.20 -19.81
C ARG B 170 -4.01 -19.71 -20.26
N GLU B 171 -3.73 -18.41 -20.10
CA GLU B 171 -2.40 -17.93 -20.49
C GLU B 171 -1.32 -18.52 -19.60
N ARG B 172 -1.59 -18.62 -18.29
CA ARG B 172 -0.62 -19.23 -17.37
C ARG B 172 -0.40 -20.69 -17.71
N MET B 173 -1.46 -21.37 -18.17
CA MET B 173 -1.39 -22.78 -18.51
C MET B 173 -0.58 -23.01 -19.78
N PHE B 174 -0.76 -22.14 -20.78
CA PHE B 174 -0.18 -22.34 -22.11
C PHE B 174 1.00 -21.42 -22.43
N GLY B 175 1.32 -20.45 -21.61
CA GLY B 175 2.35 -19.50 -22.02
C GLY B 175 1.85 -18.70 -23.23
N HIS B 176 2.58 -18.77 -24.33
CA HIS B 176 2.14 -18.19 -25.60
C HIS B 176 1.64 -19.26 -26.56
N SER B 177 1.53 -20.50 -26.10
CA SER B 177 1.27 -21.61 -27.00
C SER B 177 -0.20 -21.84 -27.29
N TYR B 178 -1.14 -21.16 -26.62
CA TYR B 178 -2.54 -21.47 -26.90
C TYR B 178 -2.90 -21.04 -28.30
N SER B 179 -3.61 -21.92 -28.99
CA SER B 179 -4.19 -21.65 -30.29
C SER B 179 -5.58 -22.27 -30.28
N PRO B 180 -6.53 -21.67 -31.01
CA PRO B 180 -7.93 -22.15 -30.91
C PRO B 180 -8.14 -23.58 -31.34
N ASP B 181 -7.26 -24.14 -32.19
CA ASP B 181 -7.42 -25.54 -32.62
C ASP B 181 -7.21 -26.53 -31.48
N LYS B 182 -6.53 -26.12 -30.40
CA LYS B 182 -6.29 -27.02 -29.28
C LYS B 182 -7.44 -27.04 -28.29
N MET B 183 -8.54 -26.34 -28.59
CA MET B 183 -9.63 -26.21 -27.64
C MET B 183 -10.17 -27.56 -27.19
N GLU B 184 -10.48 -28.42 -28.16
CA GLU B 184 -11.16 -29.68 -27.84
C GLU B 184 -10.27 -30.63 -27.04
N GLN B 185 -9.01 -30.77 -27.41
CA GLN B 185 -8.15 -31.71 -26.69
C GLN B 185 -7.90 -31.28 -25.25
N TYR B 186 -8.15 -30.01 -24.91
CA TYR B 186 -7.94 -29.50 -23.56
C TYR B 186 -9.21 -29.05 -22.87
N SER B 187 -10.40 -29.39 -23.38
CA SER B 187 -11.64 -28.96 -22.74
C SER B 187 -12.45 -30.14 -22.23
N PRO B 188 -12.51 -30.34 -20.91
CA PRO B 188 -13.24 -31.50 -20.37
C PRO B 188 -14.68 -31.59 -20.81
N ILE B 189 -15.36 -30.45 -20.99
CA ILE B 189 -16.75 -30.47 -21.40
C ILE B 189 -16.94 -31.14 -22.75
N GLU B 190 -15.90 -31.18 -23.60
CA GLU B 190 -16.02 -31.82 -24.90
C GLU B 190 -15.70 -33.32 -24.87
N HIS B 191 -15.44 -33.91 -23.70
CA HIS B 191 -15.03 -35.30 -23.62
C HIS B 191 -15.86 -36.09 -22.62
N ILE B 192 -17.10 -35.67 -22.41
CA ILE B 192 -18.00 -36.46 -21.57
C ILE B 192 -18.42 -37.70 -22.34
N THR B 193 -18.29 -38.86 -21.71
CA THR B 193 -18.67 -40.13 -22.32
C THR B 193 -19.42 -40.95 -21.28
N SER B 194 -19.83 -42.16 -21.67
CA SER B 194 -20.64 -42.98 -20.76
C SER B 194 -19.89 -43.31 -19.47
N GLY B 195 -18.56 -43.34 -19.51
CA GLY B 195 -17.74 -43.58 -18.34
C GLY B 195 -17.56 -42.41 -17.38
N THR B 196 -18.02 -41.22 -17.77
CA THR B 196 -17.89 -40.03 -16.91
C THR B 196 -18.73 -40.20 -15.66
N PRO B 197 -18.19 -39.94 -14.48
CA PRO B 197 -18.91 -40.23 -13.24
C PRO B 197 -19.96 -39.19 -12.87
N ALA B 198 -20.86 -39.63 -11.98
CA ALA B 198 -21.88 -38.78 -11.42
C ALA B 198 -21.26 -37.53 -10.83
N ALA B 199 -21.96 -36.41 -10.95
CA ALA B 199 -21.40 -35.10 -10.65
C ALA B 199 -22.31 -34.30 -9.72
N PHE B 200 -21.68 -33.60 -8.80
CA PHE B 200 -22.31 -32.56 -8.00
C PHE B 200 -21.68 -31.24 -8.41
N ILE B 201 -22.51 -30.25 -8.76
CA ILE B 201 -22.01 -29.00 -9.30
C ILE B 201 -22.64 -27.85 -8.53
N VAL B 202 -21.82 -26.92 -8.04
CA VAL B 202 -22.35 -25.76 -7.33
C VAL B 202 -21.63 -24.49 -7.78
N ALA B 203 -22.39 -23.40 -7.92
CA ALA B 203 -21.84 -22.11 -8.29
C ALA B 203 -22.84 -21.02 -7.92
N ALA B 204 -22.39 -19.77 -7.99
CA ALA B 204 -23.24 -18.60 -7.77
C ALA B 204 -23.47 -17.86 -9.08
N ALA B 205 -24.72 -17.45 -9.31
CA ALA B 205 -25.05 -16.85 -10.59
C ALA B 205 -24.34 -15.53 -10.85
N ASP B 206 -23.92 -14.83 -9.80
CA ASP B 206 -23.25 -13.54 -9.99
C ASP B 206 -21.74 -13.67 -10.08
N ASP B 207 -21.21 -14.88 -10.26
CA ASP B 207 -19.78 -15.11 -10.36
C ASP B 207 -19.16 -14.24 -11.46
N ALA B 208 -18.23 -13.36 -11.09
CA ALA B 208 -17.59 -12.44 -12.03
C ALA B 208 -16.18 -12.87 -12.39
N VAL B 209 -15.71 -13.99 -11.89
CA VAL B 209 -14.41 -14.55 -12.25
C VAL B 209 -14.56 -15.61 -13.34
N VAL B 210 -15.43 -16.59 -13.10
CA VAL B 210 -15.69 -17.67 -14.04
C VAL B 210 -17.18 -17.67 -14.33
N SER B 211 -17.52 -17.63 -15.60
CA SER B 211 -18.93 -17.63 -15.97
C SER B 211 -19.63 -18.86 -15.39
N PRO B 212 -20.73 -18.69 -14.67
CA PRO B 212 -21.47 -19.88 -14.19
C PRO B 212 -22.01 -20.74 -15.30
N LEU B 213 -21.94 -20.28 -16.56
CA LEU B 213 -22.27 -21.19 -17.66
C LEU B 213 -21.28 -22.34 -17.76
N ASN B 214 -20.10 -22.21 -17.17
CA ASN B 214 -19.23 -23.39 -17.07
C ASN B 214 -19.95 -24.52 -16.36
N GLY B 215 -20.38 -24.28 -15.11
CA GLY B 215 -21.07 -25.31 -14.37
C GLY B 215 -22.39 -25.70 -15.00
N ILE B 216 -23.14 -24.71 -15.49
CA ILE B 216 -24.47 -25.01 -16.02
C ILE B 216 -24.38 -25.82 -17.30
N MET B 217 -23.51 -25.41 -18.22
CA MET B 217 -23.40 -26.14 -19.48
C MET B 217 -22.69 -27.47 -19.31
N TYR B 218 -21.76 -27.57 -18.37
CA TYR B 218 -21.19 -28.87 -18.06
C TYR B 218 -22.29 -29.82 -17.59
N ALA B 219 -23.13 -29.38 -16.66
CA ALA B 219 -24.25 -30.22 -16.22
C ALA B 219 -25.20 -30.51 -17.38
N ALA B 220 -25.46 -29.53 -18.24
CA ALA B 220 -26.38 -29.76 -19.36
C ALA B 220 -25.86 -30.87 -20.27
N ARG B 221 -24.55 -30.86 -20.54
CA ARG B 221 -24.00 -31.90 -21.38
C ARG B 221 -23.92 -33.24 -20.65
N LEU B 222 -23.66 -33.21 -19.34
CA LEU B 222 -23.75 -34.44 -18.56
C LEU B 222 -25.15 -35.01 -18.66
N GLN B 223 -26.15 -34.14 -18.50
CA GLN B 223 -27.54 -34.56 -18.60
C GLN B 223 -27.82 -35.20 -19.96
N LYS B 224 -27.38 -34.54 -21.04
CA LYS B 224 -27.60 -35.07 -22.37
C LYS B 224 -26.91 -36.41 -22.57
N ALA B 225 -25.78 -36.62 -21.91
CA ALA B 225 -25.03 -37.86 -21.98
C ALA B 225 -25.50 -38.90 -20.97
N ASP B 226 -26.61 -38.65 -20.29
CA ASP B 226 -27.20 -39.57 -19.30
C ASP B 226 -26.28 -39.82 -18.11
N ILE B 227 -25.51 -38.82 -17.72
CA ILE B 227 -24.70 -38.88 -16.50
C ILE B 227 -25.47 -38.21 -15.38
N PRO B 228 -25.69 -38.89 -14.25
CA PRO B 228 -26.49 -38.28 -13.18
C PRO B 228 -25.84 -37.01 -12.64
N ILE B 229 -26.66 -35.97 -12.46
CA ILE B 229 -26.19 -34.69 -11.95
C ILE B 229 -26.98 -34.27 -10.73
N SER B 230 -26.30 -33.56 -9.84
CA SER B 230 -26.90 -32.76 -8.78
C SER B 230 -26.34 -31.34 -8.94
N LEU B 231 -27.19 -30.41 -9.39
CA LEU B 231 -26.72 -29.08 -9.80
C LEU B 231 -27.36 -28.03 -8.91
N HIS B 232 -26.54 -27.13 -8.35
CA HIS B 232 -27.10 -26.10 -7.48
C HIS B 232 -26.47 -24.75 -7.81
N ILE B 233 -27.25 -23.87 -8.42
CA ILE B 233 -26.81 -22.52 -8.73
C ILE B 233 -27.57 -21.57 -7.82
N TYR B 234 -26.85 -20.83 -7.05
CA TYR B 234 -27.41 -19.86 -6.13
C TYR B 234 -27.34 -18.46 -6.75
N PRO B 235 -28.30 -17.59 -6.43
CA PRO B 235 -28.35 -16.28 -7.12
C PRO B 235 -27.19 -15.35 -6.80
N ALA B 236 -26.62 -15.44 -5.60
CA ALA B 236 -25.56 -14.52 -5.21
C ALA B 236 -24.51 -15.28 -4.43
N GLY B 237 -23.33 -14.67 -4.30
CA GLY B 237 -22.29 -15.27 -3.49
C GLY B 237 -20.92 -15.16 -4.09
N GLY B 238 -20.84 -14.97 -5.40
CA GLY B 238 -19.58 -14.75 -6.08
C GLY B 238 -18.71 -16.00 -6.20
N HIS B 239 -17.55 -15.78 -6.80
CA HIS B 239 -16.55 -16.82 -7.00
C HIS B 239 -15.80 -17.12 -5.70
N GLY B 240 -15.32 -18.35 -5.59
CA GLY B 240 -14.38 -18.68 -4.53
C GLY B 240 -14.91 -18.69 -3.13
N PHE B 241 -16.20 -18.99 -2.93
CA PHE B 241 -16.74 -19.03 -1.57
C PHE B 241 -16.14 -20.16 -0.74
N GLY B 242 -15.75 -21.26 -1.36
CA GLY B 242 -15.11 -22.32 -0.59
C GLY B 242 -15.94 -22.74 0.62
N TYR B 243 -15.29 -22.82 1.78
CA TYR B 243 -15.93 -23.16 3.06
C TYR B 243 -16.31 -21.93 3.89
N ASN B 244 -16.25 -20.73 3.29
CA ASN B 244 -16.45 -19.49 4.04
C ASN B 244 -17.86 -19.36 4.61
N ASP B 245 -17.93 -18.90 5.87
CA ASP B 245 -19.20 -18.53 6.48
C ASP B 245 -19.77 -17.28 5.85
N SER B 246 -18.92 -16.46 5.21
CA SER B 246 -19.40 -15.26 4.55
C SER B 246 -20.32 -15.56 3.35
N PHE B 247 -20.38 -16.81 2.89
CA PHE B 247 -21.32 -17.21 1.85
C PHE B 247 -22.70 -17.41 2.48
N VAL B 248 -23.69 -16.61 2.05
CA VAL B 248 -25.00 -16.66 2.69
C VAL B 248 -25.66 -18.02 2.50
N TYR B 249 -25.25 -18.78 1.48
CA TYR B 249 -25.82 -20.09 1.20
C TYR B 249 -24.93 -21.24 1.67
N LYS B 250 -24.00 -20.97 2.58
CA LYS B 250 -23.07 -22.04 2.98
C LYS B 250 -23.82 -23.25 3.53
N GLN B 251 -24.76 -23.02 4.45
CA GLN B 251 -25.46 -24.15 5.06
C GLN B 251 -26.30 -24.90 4.05
N GLU B 252 -26.93 -24.19 3.11
CA GLU B 252 -27.79 -24.85 2.12
C GLU B 252 -26.97 -25.74 1.20
N TRP B 253 -25.88 -25.21 0.64
CA TRP B 253 -25.16 -26.00 -0.36
C TRP B 253 -24.41 -27.16 0.27
N LEU B 254 -23.91 -27.01 1.51
CA LEU B 254 -23.31 -28.14 2.20
C LEU B 254 -24.37 -29.18 2.56
N GLN B 255 -25.58 -28.73 2.87
CA GLN B 255 -26.68 -29.67 3.08
C GLN B 255 -26.93 -30.48 1.82
N GLU B 256 -26.96 -29.81 0.67
CA GLU B 256 -27.12 -30.52 -0.59
C GLU B 256 -26.01 -31.53 -0.80
N LEU B 257 -24.77 -31.11 -0.56
CA LEU B 257 -23.62 -31.99 -0.76
C LEU B 257 -23.70 -33.19 0.17
N GLY B 258 -24.00 -32.94 1.45
CA GLY B 258 -24.13 -34.05 2.39
C GLY B 258 -25.17 -35.07 1.96
N GLU B 259 -26.34 -34.60 1.51
CA GLU B 259 -27.39 -35.51 1.06
C GLU B 259 -26.99 -36.26 -0.20
N TRP B 260 -26.26 -35.58 -1.11
CA TRP B 260 -25.79 -36.25 -2.33
C TRP B 260 -24.78 -37.33 -1.98
N LEU B 261 -23.83 -37.04 -1.11
CA LEU B 261 -22.82 -38.05 -0.75
C LEU B 261 -23.48 -39.26 -0.10
N ALA B 262 -24.51 -39.04 0.70
CA ALA B 262 -25.17 -40.16 1.36
C ALA B 262 -25.82 -41.11 0.36
N LYS B 263 -26.26 -40.60 -0.78
CA LYS B 263 -27.01 -41.39 -1.75
C LYS B 263 -26.17 -41.90 -2.91
N LEU B 264 -24.85 -41.79 -2.85
CA LEU B 264 -24.04 -42.28 -3.97
C LEU B 264 -24.16 -43.79 -4.16
N SER C 1 -24.34 0.37 20.28
CA SER C 1 -24.52 1.26 21.41
C SER C 1 -24.34 2.72 20.98
N HIS C 2 -23.53 2.90 19.94
CA HIS C 2 -23.27 4.20 19.34
C HIS C 2 -24.10 4.45 18.10
N MET C 3 -24.84 3.46 17.61
CA MET C 3 -25.73 3.66 16.48
C MET C 3 -27.09 4.13 17.00
N LYS C 4 -27.57 5.25 16.46
CA LYS C 4 -28.82 5.81 16.95
C LYS C 4 -30.00 5.44 16.04
N LYS C 5 -30.05 6.06 14.87
CA LYS C 5 -31.21 5.98 13.98
C LYS C 5 -30.79 5.59 12.58
N LEU C 6 -31.76 5.08 11.82
CA LEU C 6 -31.64 4.84 10.40
C LEU C 6 -32.61 5.74 9.69
N ILE C 7 -32.12 6.58 8.79
CA ILE C 7 -32.96 7.51 8.04
C ILE C 7 -32.91 7.09 6.58
N CYS C 8 -34.06 6.73 6.02
CA CYS C 8 -34.13 6.28 4.64
C CYS C 8 -34.67 7.41 3.79
N ILE C 9 -33.91 7.80 2.78
CA ILE C 9 -34.27 8.91 1.89
C ILE C 9 -34.35 8.37 0.47
N SER C 10 -35.53 8.49 -0.13
CA SER C 10 -35.76 8.02 -1.49
C SER C 10 -35.54 9.18 -2.45
N LEU C 11 -34.44 9.15 -3.20
CA LEU C 11 -34.10 10.27 -4.08
C LEU C 11 -35.11 10.45 -5.21
N TYR C 12 -35.70 9.35 -5.72
CA TYR C 12 -36.53 9.43 -6.92
C TYR C 12 -38.01 9.25 -6.61
N GLU C 13 -38.40 9.44 -5.35
CA GLU C 13 -39.81 9.55 -4.93
C GLU C 13 -39.96 10.77 -4.02
N ASP C 14 -39.64 11.94 -4.57
CA ASP C 14 -39.85 13.24 -3.91
C ASP C 14 -39.18 13.33 -2.54
N LEU C 15 -38.01 12.69 -2.40
CA LEU C 15 -37.23 12.68 -1.16
C LEU C 15 -38.02 12.19 0.05
N SER C 16 -38.99 11.29 -0.16
CA SER C 16 -39.77 10.79 0.97
C SER C 16 -38.87 10.06 1.96
N MET C 17 -39.11 10.28 3.24
CA MET C 17 -38.22 9.87 4.31
C MET C 17 -38.90 8.94 5.30
N THR C 18 -38.16 7.95 5.78
CA THR C 18 -38.61 7.05 6.83
C THR C 18 -37.47 6.91 7.83
N THR C 19 -37.80 6.91 9.12
CA THR C 19 -36.77 6.83 10.14
C THR C 19 -37.08 5.68 11.11
N TYR C 20 -36.04 4.93 11.45
CA TYR C 20 -36.13 3.79 12.36
C TYR C 20 -35.26 3.96 13.60
N ASP C 21 -35.73 3.35 14.69
CA ASP C 21 -34.98 3.24 15.94
C ASP C 21 -34.14 1.98 15.86
N LEU C 22 -32.81 2.15 15.80
CA LEU C 22 -31.93 1.03 15.56
C LEU C 22 -31.96 0.03 16.72
N SER C 23 -32.28 0.49 17.92
CA SER C 23 -32.41 -0.43 19.05
C SER C 23 -33.59 -1.38 18.89
N LYS C 24 -34.58 -1.03 18.07
CA LYS C 24 -35.74 -1.88 17.82
C LYS C 24 -35.59 -2.70 16.55
N VAL C 25 -34.47 -2.58 15.84
CA VAL C 25 -34.27 -3.24 14.56
C VAL C 25 -33.07 -4.18 14.70
N ASP C 26 -33.29 -5.46 14.41
CA ASP C 26 -32.21 -6.43 14.36
C ASP C 26 -31.70 -6.52 12.93
N ASN C 27 -30.60 -7.27 12.76
CA ASN C 27 -29.95 -7.31 11.45
C ASN C 27 -30.88 -7.87 10.37
N ALA C 28 -31.67 -8.90 10.70
CA ALA C 28 -32.57 -9.48 9.69
C ALA C 28 -33.58 -8.46 9.19
N GLU C 29 -34.20 -7.69 10.10
CA GLU C 29 -35.14 -6.66 9.68
C GLU C 29 -34.46 -5.55 8.91
N LEU C 30 -33.25 -5.19 9.33
CA LEU C 30 -32.49 -4.16 8.62
C LEU C 30 -32.17 -4.58 7.20
N ILE C 31 -31.79 -5.86 7.02
CA ILE C 31 -31.51 -6.37 5.68
C ILE C 31 -32.76 -6.24 4.81
N GLY C 32 -33.91 -6.59 5.37
CA GLY C 32 -35.16 -6.44 4.64
C GLY C 32 -35.45 -5.00 4.25
N ILE C 33 -35.16 -4.07 5.15
CA ILE C 33 -35.41 -2.64 4.86
C ILE C 33 -34.60 -2.21 3.65
N VAL C 34 -33.30 -2.51 3.62
CA VAL C 34 -32.48 -2.02 2.51
C VAL C 34 -32.80 -2.78 1.23
N GLU C 35 -33.14 -4.07 1.32
CA GLU C 35 -33.46 -4.85 0.13
C GLU C 35 -34.78 -4.42 -0.49
N ASN C 36 -35.79 -4.13 0.33
CA ASN C 36 -37.11 -3.79 -0.19
C ASN C 36 -37.20 -2.37 -0.72
N ALA C 37 -36.30 -1.48 -0.31
CA ALA C 37 -36.30 -0.08 -0.74
C ALA C 37 -36.09 0.02 -2.24
N SER C 38 -36.61 1.10 -2.83
CA SER C 38 -36.41 1.29 -4.25
C SER C 38 -34.98 1.76 -4.54
N GLU C 39 -34.58 1.62 -5.79
CA GLU C 39 -33.27 2.11 -6.22
C GLU C 39 -33.19 3.62 -6.01
N GLY C 40 -31.98 4.11 -5.80
CA GLY C 40 -31.82 5.52 -5.54
C GLY C 40 -32.20 5.92 -4.13
N THR C 41 -31.94 5.06 -3.15
CA THR C 41 -32.26 5.33 -1.76
C THR C 41 -30.98 5.49 -0.94
N LEU C 42 -30.99 6.47 -0.04
CA LEU C 42 -29.91 6.66 0.91
C LEU C 42 -30.33 6.09 2.26
N PHE C 43 -29.44 5.34 2.90
CA PHE C 43 -29.66 4.81 4.25
C PHE C 43 -28.68 5.49 5.19
N VAL C 44 -29.17 6.41 6.02
CA VAL C 44 -28.33 7.23 6.89
C VAL C 44 -28.33 6.61 8.28
N PHE C 45 -27.14 6.13 8.72
CA PHE C 45 -26.92 5.59 10.06
C PHE C 45 -26.30 6.70 10.89
N THR C 46 -27.04 7.18 11.89
CA THR C 46 -26.60 8.27 12.75
C THR C 46 -25.87 7.74 13.97
N CYS C 47 -25.08 8.63 14.60
CA CYS C 47 -24.20 8.26 15.70
C CYS C 47 -24.72 8.77 17.04
N ASP C 48 -24.27 8.10 18.09
CA ASP C 48 -24.50 8.56 19.46
C ASP C 48 -23.77 9.88 19.70
N ARG C 49 -22.53 9.98 19.23
CA ARG C 49 -21.72 11.19 19.36
C ARG C 49 -21.13 11.50 18.00
N PRO C 50 -21.88 12.13 17.11
CA PRO C 50 -21.34 12.44 15.78
C PRO C 50 -20.24 13.49 15.89
N ASN C 51 -19.22 13.36 15.05
CA ASN C 51 -18.12 14.32 15.01
C ASN C 51 -18.24 15.29 13.84
N GLY C 52 -19.36 15.27 13.12
CA GLY C 52 -19.59 16.24 12.06
C GLY C 52 -19.14 15.79 10.69
N SER C 53 -18.65 14.57 10.56
CA SER C 53 -18.16 14.07 9.28
C SER C 53 -19.03 12.89 8.85
N SER C 54 -19.06 12.65 7.54
CA SER C 54 -19.95 11.65 6.97
C SER C 54 -19.25 10.95 5.82
N VAL C 55 -19.65 9.71 5.57
CA VAL C 55 -19.15 8.99 4.40
C VAL C 55 -20.35 8.38 3.68
N ILE C 56 -20.37 8.51 2.36
CA ILE C 56 -21.39 7.90 1.52
C ILE C 56 -20.75 6.72 0.81
N MET C 57 -21.23 5.51 1.13
CA MET C 57 -20.69 4.28 0.57
C MET C 57 -21.46 3.88 -0.69
N CYS C 58 -20.74 3.65 -1.77
CA CYS C 58 -21.34 3.11 -2.98
C CYS C 58 -20.91 1.64 -3.11
N PRO C 59 -21.80 0.67 -2.85
CA PRO C 59 -21.36 -0.74 -2.87
C PRO C 59 -21.03 -1.22 -4.27
N GLY C 60 -20.54 -2.45 -4.39
CA GLY C 60 -20.35 -3.11 -5.66
C GLY C 60 -21.63 -3.78 -6.14
N GLY C 61 -21.47 -4.70 -7.10
CA GLY C 61 -22.63 -5.41 -7.61
C GLY C 61 -22.68 -5.54 -9.12
N GLY C 62 -21.61 -5.12 -9.80
CA GLY C 62 -21.51 -5.31 -11.24
C GLY C 62 -22.56 -4.61 -12.08
N PHE C 63 -23.17 -3.54 -11.58
CA PHE C 63 -24.25 -2.82 -12.27
C PHE C 63 -25.42 -3.75 -12.58
N LEU C 64 -25.54 -4.82 -11.81
CA LEU C 64 -26.69 -5.70 -11.80
C LEU C 64 -27.51 -5.55 -10.54
N LYS C 65 -26.86 -5.23 -9.43
CA LYS C 65 -27.50 -5.01 -8.14
C LYS C 65 -26.49 -4.25 -7.30
N THR C 66 -26.87 -3.99 -6.05
CA THR C 66 -25.92 -3.45 -5.08
C THR C 66 -25.73 -4.46 -3.96
N ASN C 67 -24.47 -4.62 -3.55
CA ASN C 67 -24.06 -5.51 -2.45
C ASN C 67 -24.29 -4.78 -1.13
N LEU C 68 -25.56 -4.71 -0.73
CA LEU C 68 -26.00 -3.86 0.38
C LEU C 68 -25.54 -4.33 1.75
N GLU C 69 -25.10 -5.58 1.90
CA GLU C 69 -24.61 -6.00 3.20
C GLU C 69 -23.09 -5.88 3.28
N ASN C 70 -22.40 -6.79 2.59
CA ASN C 70 -20.95 -6.91 2.69
C ASN C 70 -20.23 -5.63 2.32
N GLU C 71 -20.79 -4.85 1.37
CA GLU C 71 -20.22 -3.58 0.97
C GLU C 71 -21.19 -2.44 1.31
N GLY C 72 -22.01 -2.63 2.33
CA GLY C 72 -23.01 -1.66 2.68
C GLY C 72 -23.22 -1.54 4.18
N ILE C 73 -24.33 -2.10 4.67
CA ILE C 73 -24.70 -1.95 6.07
C ILE C 73 -23.73 -2.62 7.03
N ASP C 74 -22.99 -3.64 6.59
CA ASP C 74 -22.06 -4.32 7.49
C ASP C 74 -20.96 -3.40 8.02
N PHE C 75 -20.70 -2.28 7.34
CA PHE C 75 -19.74 -1.29 7.80
C PHE C 75 -20.32 -0.29 8.81
N ALA C 76 -21.63 -0.28 9.03
CA ALA C 76 -22.25 0.83 9.75
C ALA C 76 -21.73 0.94 11.17
N GLU C 77 -21.64 -0.18 11.89
CA GLU C 77 -21.17 -0.11 13.27
C GLU C 77 -19.73 0.40 13.34
N TRP C 78 -18.90 -0.02 12.38
CA TRP C 78 -17.48 0.37 12.42
C TRP C 78 -17.33 1.87 12.25
N PHE C 79 -18.06 2.47 11.30
CA PHE C 79 -17.93 3.92 11.09
C PHE C 79 -18.58 4.70 12.22
N THR C 80 -19.81 4.33 12.61
CA THR C 80 -20.51 5.09 13.66
C THR C 80 -19.78 5.05 15.00
N LYS C 81 -19.02 3.98 15.27
CA LYS C 81 -18.24 3.93 16.50
C LYS C 81 -17.20 5.05 16.55
N LEU C 82 -16.66 5.43 15.39
CA LEU C 82 -15.72 6.53 15.29
C LEU C 82 -16.41 7.87 15.22
N GLY C 83 -17.74 7.90 15.35
CA GLY C 83 -18.48 9.15 15.25
C GLY C 83 -18.70 9.62 13.84
N ILE C 84 -18.47 8.78 12.85
CA ILE C 84 -18.65 9.15 11.45
C ILE C 84 -20.03 8.68 11.01
N THR C 85 -20.85 9.63 10.57
CA THR C 85 -22.18 9.31 10.08
C THR C 85 -22.05 8.55 8.77
N TYR C 86 -22.71 7.39 8.69
CA TYR C 86 -22.47 6.43 7.62
C TYR C 86 -23.71 6.26 6.77
N ILE C 87 -23.56 6.46 5.45
CA ILE C 87 -24.67 6.49 4.52
C ILE C 87 -24.44 5.47 3.42
N VAL C 88 -25.33 4.48 3.32
CA VAL C 88 -25.25 3.50 2.23
C VAL C 88 -26.11 4.02 1.08
N PHE C 89 -25.54 4.09 -0.11
CA PHE C 89 -26.24 4.59 -1.29
C PHE C 89 -26.63 3.40 -2.16
N LYS C 90 -27.92 3.06 -2.13
CA LYS C 90 -28.46 2.06 -3.03
C LYS C 90 -28.76 2.78 -4.34
N TYR C 91 -27.72 2.88 -5.18
CA TYR C 91 -27.80 3.64 -6.41
C TYR C 91 -28.55 2.86 -7.50
N ARG C 92 -28.91 3.55 -8.57
CA ARG C 92 -29.68 2.96 -9.66
C ARG C 92 -28.77 2.18 -10.59
N MET C 93 -29.32 1.12 -11.18
CA MET C 93 -28.55 0.45 -12.23
C MET C 93 -28.62 1.27 -13.52
N PRO C 94 -27.51 1.38 -14.26
CA PRO C 94 -27.50 2.27 -15.43
C PRO C 94 -28.37 1.80 -16.57
N HIS C 95 -28.46 0.50 -16.81
CA HIS C 95 -29.26 -0.09 -17.87
C HIS C 95 -29.00 0.58 -19.23
N GLY C 96 -27.73 0.75 -19.56
CA GLY C 96 -27.34 1.27 -20.85
C GLY C 96 -27.34 2.78 -20.97
N ASN C 97 -27.73 3.50 -19.90
CA ASN C 97 -27.62 4.95 -19.89
C ASN C 97 -26.38 5.31 -19.08
N PRO C 98 -25.28 5.71 -19.73
CA PRO C 98 -24.01 5.85 -18.99
C PRO C 98 -23.95 7.08 -18.11
N ASP C 99 -24.92 7.99 -18.18
CA ASP C 99 -24.88 9.14 -17.29
C ASP C 99 -25.58 8.89 -15.97
N VAL C 100 -26.15 7.69 -15.79
CA VAL C 100 -26.80 7.37 -14.51
C VAL C 100 -25.81 7.42 -13.35
N PRO C 101 -24.58 6.88 -13.45
CA PRO C 101 -23.69 7.01 -12.28
C PRO C 101 -23.40 8.45 -11.89
N GLU C 102 -23.13 9.34 -12.85
CA GLU C 102 -22.94 10.74 -12.51
C GLU C 102 -24.21 11.35 -11.90
N GLN C 103 -25.37 11.09 -12.51
CA GLN C 103 -26.60 11.67 -11.98
C GLN C 103 -26.84 11.26 -10.54
N ASP C 104 -26.63 9.97 -10.24
CA ASP C 104 -26.84 9.45 -8.89
C ASP C 104 -25.86 10.06 -7.89
N THR C 105 -24.57 10.10 -8.24
CA THR C 105 -23.57 10.59 -7.28
C THR C 105 -23.79 12.08 -6.97
N ARG C 106 -24.05 12.88 -8.01
CA ARG C 106 -24.28 14.30 -7.78
C ARG C 106 -25.50 14.55 -6.90
N LEU C 107 -26.60 13.82 -7.16
CA LEU C 107 -27.80 14.03 -6.36
C LEU C 107 -27.59 13.61 -4.92
N ALA C 108 -26.92 12.47 -4.72
CA ALA C 108 -26.68 11.97 -3.37
C ALA C 108 -25.87 12.98 -2.55
N LEU C 109 -24.79 13.51 -3.13
CA LEU C 109 -23.98 14.52 -2.45
C LEU C 109 -24.78 15.77 -2.12
N LYS C 110 -25.62 16.21 -3.05
CA LYS C 110 -26.46 17.39 -2.83
C LYS C 110 -27.43 17.18 -1.68
N VAL C 111 -28.08 16.01 -1.65
CA VAL C 111 -29.11 15.76 -0.65
C VAL C 111 -28.49 15.68 0.74
N VAL C 112 -27.33 15.02 0.87
CA VAL C 112 -26.69 14.92 2.19
C VAL C 112 -26.31 16.29 2.69
N ARG C 113 -25.69 17.10 1.82
CA ARG C 113 -25.28 18.44 2.20
C ARG C 113 -26.49 19.30 2.56
N GLU C 114 -27.55 19.15 1.79
CA GLU C 114 -28.82 19.87 2.02
C GLU C 114 -29.61 19.46 3.27
N LYS C 115 -29.65 18.15 3.56
CA LYS C 115 -30.45 17.64 4.67
C LYS C 115 -29.67 17.48 5.97
N PHE C 116 -28.37 17.18 5.89
CA PHE C 116 -27.56 16.96 7.09
C PHE C 116 -26.29 17.80 7.05
N PRO C 117 -26.42 19.13 7.06
CA PRO C 117 -25.21 19.97 7.12
C PRO C 117 -24.43 19.75 8.40
N GLU C 118 -25.13 19.40 9.49
CA GLU C 118 -24.48 19.16 10.76
C GLU C 118 -23.50 18.01 10.70
N PHE C 119 -23.67 17.09 9.74
CA PHE C 119 -22.80 15.95 9.56
C PHE C 119 -21.90 16.07 8.33
N CYS C 120 -21.85 17.24 7.68
CA CYS C 120 -21.08 17.39 6.45
C CYS C 120 -19.94 18.39 6.58
N ASP C 121 -19.44 18.61 7.80
CA ASP C 121 -18.25 19.42 7.92
C ASP C 121 -17.13 18.81 7.08
N LYS C 122 -17.01 17.50 7.12
CA LYS C 122 -16.24 16.75 6.14
C LYS C 122 -17.14 15.67 5.54
N LEU C 123 -17.24 15.63 4.23
CA LEU C 123 -18.07 14.63 3.54
C LEU C 123 -17.20 13.81 2.61
N GLY C 124 -17.06 12.52 2.90
CA GLY C 124 -16.29 11.66 2.03
C GLY C 124 -17.15 10.68 1.27
N VAL C 125 -16.61 10.10 0.19
CA VAL C 125 -17.32 9.06 -0.53
C VAL C 125 -16.43 7.82 -0.52
N MET C 126 -17.07 6.68 -0.36
CA MET C 126 -16.45 5.36 -0.34
C MET C 126 -17.05 4.53 -1.45
N GLY C 127 -16.24 3.70 -2.08
CA GLY C 127 -16.79 2.87 -3.15
C GLY C 127 -16.05 1.56 -3.33
N ALA C 128 -16.78 0.46 -3.52
CA ALA C 128 -16.21 -0.87 -3.73
C ALA C 128 -16.53 -1.37 -5.13
N SER C 129 -15.52 -1.93 -5.79
CA SER C 129 -15.69 -2.53 -7.14
C SER C 129 -16.29 -1.47 -8.06
N ILE C 130 -17.39 -1.76 -8.78
CA ILE C 130 -17.94 -0.74 -9.66
C ILE C 130 -18.46 0.44 -8.86
N GLY C 131 -18.79 0.24 -7.58
CA GLY C 131 -19.09 1.38 -6.73
C GLY C 131 -17.93 2.35 -6.59
N GLY C 132 -16.71 1.84 -6.67
CA GLY C 132 -15.53 2.69 -6.72
C GLY C 132 -15.45 3.55 -7.96
N TYR C 133 -16.15 3.15 -9.04
CA TYR C 133 -16.25 4.04 -10.18
C TYR C 133 -17.10 5.26 -9.85
N LEU C 134 -18.24 5.06 -9.18
CA LEU C 134 -19.00 6.21 -8.74
C LEU C 134 -18.17 7.08 -7.81
N ALA C 135 -17.46 6.45 -6.89
CA ALA C 135 -16.69 7.20 -5.90
C ALA C 135 -15.58 8.02 -6.55
N THR C 136 -14.78 7.39 -7.41
CA THR C 136 -13.69 8.14 -8.05
C THR C 136 -14.21 9.16 -9.03
N PHE C 137 -15.35 8.86 -9.66
CA PHE C 137 -16.00 9.85 -10.49
C PHE C 137 -16.29 11.11 -9.68
N SER C 138 -16.82 10.94 -8.46
CA SER C 138 -17.19 12.09 -7.64
C SER C 138 -15.97 12.91 -7.27
N ALA C 139 -14.81 12.28 -7.15
CA ALA C 139 -13.58 12.95 -6.75
C ALA C 139 -12.84 13.58 -7.92
N THR C 140 -13.29 13.34 -9.16
CA THR C 140 -12.54 13.78 -10.33
C THR C 140 -13.41 14.54 -11.31
N LEU C 141 -14.53 13.95 -11.75
CA LEU C 141 -15.31 14.57 -12.81
C LEU C 141 -16.40 15.51 -12.29
N LEU C 142 -16.63 15.57 -10.98
CA LEU C 142 -17.52 16.61 -10.50
C LEU C 142 -16.78 17.93 -10.36
N PRO C 143 -17.49 19.04 -10.39
CA PRO C 143 -16.84 20.33 -10.17
C PRO C 143 -16.26 20.37 -8.76
N ASP C 144 -15.21 21.17 -8.60
CA ASP C 144 -14.49 21.22 -7.32
C ASP C 144 -15.43 21.47 -6.14
N ASP C 145 -16.43 22.34 -6.31
CA ASP C 145 -17.30 22.63 -5.18
C ASP C 145 -18.20 21.47 -4.81
N GLU C 146 -18.41 20.52 -5.71
CA GLU C 146 -19.21 19.35 -5.39
C GLU C 146 -18.37 18.16 -4.95
N LYS C 147 -17.07 18.18 -5.20
CA LYS C 147 -16.23 17.04 -4.85
C LYS C 147 -16.28 16.78 -3.34
N PRO C 148 -16.18 15.52 -2.92
CA PRO C 148 -16.12 15.22 -1.50
C PRO C 148 -14.75 15.59 -0.95
N ASP C 149 -14.66 15.60 0.38
CA ASP C 149 -13.43 15.99 1.06
C ASP C 149 -12.43 14.85 1.17
N PHE C 150 -12.85 13.61 0.99
CA PHE C 150 -11.93 12.48 0.95
C PHE C 150 -12.63 11.34 0.22
N GLN C 151 -11.84 10.36 -0.21
CA GLN C 151 -12.38 9.24 -0.98
C GLN C 151 -11.75 7.94 -0.50
N ILE C 152 -12.57 6.91 -0.32
CA ILE C 152 -12.15 5.60 0.15
C ILE C 152 -12.52 4.59 -0.93
N LEU C 153 -11.51 3.89 -1.46
CA LEU C 153 -11.71 3.02 -2.61
C LEU C 153 -11.29 1.60 -2.28
N MET C 154 -12.19 0.65 -2.52
CA MET C 154 -11.91 -0.77 -2.33
C MET C 154 -12.00 -1.43 -3.71
N TYR C 155 -10.88 -2.00 -4.17
CA TYR C 155 -10.75 -2.64 -5.47
C TYR C 155 -11.60 -1.92 -6.54
N PRO C 156 -11.39 -0.63 -6.74
CA PRO C 156 -12.25 0.16 -7.62
C PRO C 156 -12.00 -0.06 -9.10
N VAL C 157 -13.04 0.23 -9.88
CA VAL C 157 -12.90 0.44 -11.32
C VAL C 157 -12.72 1.94 -11.53
N VAL C 158 -11.62 2.34 -12.17
CA VAL C 158 -11.28 3.76 -12.26
C VAL C 158 -11.24 4.27 -13.69
N SER C 159 -11.58 3.44 -14.67
CA SER C 159 -11.46 3.83 -16.06
C SER C 159 -12.44 3.00 -16.89
N VAL C 160 -12.85 3.54 -18.03
CA VAL C 160 -13.58 2.76 -19.02
C VAL C 160 -12.71 2.39 -20.20
N ASP C 161 -11.43 2.74 -20.16
CA ASP C 161 -10.50 2.34 -21.20
C ASP C 161 -10.36 0.82 -21.19
N ASP C 162 -10.22 0.24 -22.39
CA ASP C 162 -10.05 -1.21 -22.51
C ASP C 162 -8.94 -1.73 -21.62
N ARG C 163 -7.87 -0.95 -21.45
CA ARG C 163 -6.69 -1.40 -20.72
C ARG C 163 -6.99 -1.69 -19.25
N LEU C 164 -7.97 -1.00 -18.66
CA LEU C 164 -8.27 -1.13 -17.23
C LEU C 164 -9.68 -1.57 -16.91
N THR C 165 -10.64 -1.34 -17.79
CA THR C 165 -12.02 -1.38 -17.34
C THR C 165 -12.50 -2.81 -17.10
N HIS C 166 -13.66 -2.89 -16.47
CA HIS C 166 -14.39 -4.14 -16.26
C HIS C 166 -15.42 -4.22 -17.37
N PHE C 167 -15.22 -5.14 -18.31
CA PHE C 167 -16.02 -5.12 -19.54
C PHE C 167 -17.49 -5.40 -19.30
N PRO C 168 -17.90 -6.39 -18.49
CA PRO C 168 -19.36 -6.55 -18.27
C PRO C 168 -20.00 -5.29 -17.68
N CYS C 169 -19.30 -4.61 -16.76
CA CYS C 169 -19.86 -3.38 -16.20
C CYS C 169 -19.99 -2.28 -17.27
N ARG C 170 -18.97 -2.14 -18.12
CA ARG C 170 -19.02 -1.10 -19.15
C ARG C 170 -20.15 -1.37 -20.14
N GLU C 171 -20.36 -2.64 -20.50
CA GLU C 171 -21.45 -2.99 -21.40
C GLU C 171 -22.80 -2.70 -20.76
N ARG C 172 -22.95 -3.00 -19.47
CA ARG C 172 -24.21 -2.69 -18.78
C ARG C 172 -24.42 -1.18 -18.67
N MET C 173 -23.35 -0.42 -18.49
CA MET C 173 -23.42 1.03 -18.34
C MET C 173 -23.77 1.72 -19.66
N PHE C 174 -23.21 1.25 -20.77
CA PHE C 174 -23.36 1.90 -22.07
C PHE C 174 -24.29 1.17 -23.04
N GLY C 175 -24.76 -0.02 -22.68
CA GLY C 175 -25.39 -0.86 -23.69
C GLY C 175 -24.30 -1.30 -24.63
N HIS C 176 -24.47 -0.97 -25.90
CA HIS C 176 -23.46 -1.24 -26.93
C HIS C 176 -23.02 0.11 -27.53
N SER C 177 -23.24 1.20 -26.80
CA SER C 177 -22.96 2.53 -27.33
C SER C 177 -21.55 3.03 -27.01
N TYR C 178 -20.77 2.31 -26.21
CA TYR C 178 -19.41 2.78 -25.93
C TYR C 178 -18.56 2.76 -27.20
N SER C 179 -17.80 3.81 -27.40
CA SER C 179 -16.81 3.94 -28.45
C SER C 179 -15.58 4.62 -27.85
N PRO C 180 -14.40 4.40 -28.43
CA PRO C 180 -13.17 4.92 -27.80
C PRO C 180 -13.15 6.43 -27.62
N ASP C 181 -13.90 7.20 -28.40
CA ASP C 181 -13.89 8.65 -28.24
C ASP C 181 -14.47 9.11 -26.91
N LYS C 182 -15.28 8.27 -26.24
CA LYS C 182 -15.85 8.63 -24.95
C LYS C 182 -14.97 8.25 -23.78
N MET C 183 -13.77 7.72 -24.03
CA MET C 183 -12.95 7.18 -22.94
C MET C 183 -12.63 8.25 -21.91
N GLU C 184 -12.14 9.41 -22.39
CA GLU C 184 -11.68 10.46 -21.49
C GLU C 184 -12.83 11.01 -20.65
N GLN C 185 -13.98 11.27 -21.29
CA GLN C 185 -15.11 11.87 -20.58
C GLN C 185 -15.71 10.96 -19.52
N TYR C 186 -15.46 9.65 -19.58
CA TYR C 186 -16.02 8.71 -18.61
C TYR C 186 -14.97 7.98 -17.78
N SER C 187 -13.71 8.43 -17.76
CA SER C 187 -12.66 7.75 -17.00
C SER C 187 -12.15 8.64 -15.86
N PRO C 188 -12.49 8.34 -14.60
CA PRO C 188 -12.06 9.21 -13.50
C PRO C 188 -10.56 9.40 -13.40
N ILE C 189 -9.77 8.37 -13.71
CA ILE C 189 -8.32 8.49 -13.58
C ILE C 189 -7.75 9.58 -14.47
N GLU C 190 -8.45 9.96 -15.53
CA GLU C 190 -8.01 11.01 -16.44
C GLU C 190 -8.41 12.39 -15.98
N HIS C 191 -9.06 12.53 -14.83
CA HIS C 191 -9.57 13.84 -14.41
C HIS C 191 -9.14 14.18 -12.98
N ILE C 192 -7.98 13.69 -12.57
CA ILE C 192 -7.40 14.08 -11.29
C ILE C 192 -6.79 15.47 -11.42
N THR C 193 -7.17 16.37 -10.52
CA THR C 193 -6.67 17.74 -10.50
C THR C 193 -6.36 18.12 -9.06
N SER C 194 -5.93 19.36 -8.87
CA SER C 194 -5.56 19.80 -7.53
C SER C 194 -6.74 19.76 -6.57
N GLY C 195 -7.99 19.83 -7.06
CA GLY C 195 -9.15 19.71 -6.21
C GLY C 195 -9.53 18.29 -5.79
N THR C 196 -8.92 17.28 -6.40
CA THR C 196 -9.22 15.89 -6.05
C THR C 196 -8.83 15.60 -4.60
N PRO C 197 -9.71 15.02 -3.81
CA PRO C 197 -9.44 14.86 -2.38
C PRO C 197 -8.50 13.69 -2.08
N ALA C 198 -7.96 13.75 -0.87
CA ALA C 198 -7.08 12.70 -0.36
C ALA C 198 -7.78 11.35 -0.41
N ALA C 199 -7.01 10.30 -0.70
CA ALA C 199 -7.58 9.01 -1.03
C ALA C 199 -6.97 7.91 -0.19
N PHE C 200 -7.82 6.97 0.19
CA PHE C 200 -7.41 5.69 0.78
C PHE C 200 -7.82 4.62 -0.22
N ILE C 201 -6.87 3.75 -0.58
CA ILE C 201 -7.07 2.76 -1.62
C ILE C 201 -6.64 1.41 -1.11
N VAL C 202 -7.50 0.39 -1.24
CA VAL C 202 -7.18 -0.96 -0.78
C VAL C 202 -7.66 -1.98 -1.82
N ALA C 203 -6.86 -3.00 -2.07
CA ALA C 203 -7.22 -4.09 -2.98
C ALA C 203 -6.31 -5.28 -2.69
N ALA C 204 -6.63 -6.41 -3.30
CA ALA C 204 -5.81 -7.61 -3.24
C ALA C 204 -5.15 -7.83 -4.60
N ALA C 205 -3.87 -8.18 -4.58
CA ALA C 205 -3.09 -8.31 -5.81
C ALA C 205 -3.56 -9.45 -6.71
N ASP C 206 -4.24 -10.45 -6.15
CA ASP C 206 -4.74 -11.57 -6.93
C ASP C 206 -6.16 -11.33 -7.46
N ASP C 207 -6.66 -10.10 -7.41
CA ASP C 207 -8.01 -9.78 -7.88
C ASP C 207 -8.20 -10.25 -9.32
N ALA C 208 -9.15 -11.16 -9.52
CA ALA C 208 -9.40 -11.75 -10.82
C ALA C 208 -10.66 -11.19 -11.50
N VAL C 209 -11.33 -10.22 -10.87
CA VAL C 209 -12.48 -9.52 -11.44
C VAL C 209 -12.05 -8.18 -12.04
N VAL C 210 -11.43 -7.33 -11.24
CA VAL C 210 -10.97 -6.02 -11.66
C VAL C 210 -9.47 -6.00 -11.44
N SER C 211 -8.71 -5.64 -12.48
CA SER C 211 -7.24 -5.59 -12.31
C SER C 211 -6.88 -4.64 -11.18
N PRO C 212 -6.03 -5.06 -10.23
CA PRO C 212 -5.57 -4.14 -9.17
C PRO C 212 -4.74 -3.00 -9.68
N LEU C 213 -4.35 -3.01 -10.96
CA LEU C 213 -3.72 -1.83 -11.53
C LEU C 213 -4.69 -0.66 -11.60
N ASN C 214 -6.01 -0.90 -11.53
CA ASN C 214 -6.95 0.20 -11.35
C ASN C 214 -6.60 0.99 -10.10
N GLY C 215 -6.61 0.33 -8.94
CA GLY C 215 -6.25 1.02 -7.71
C GLY C 215 -4.81 1.51 -7.72
N ILE C 216 -3.88 0.70 -8.24
CA ILE C 216 -2.46 1.07 -8.16
C ILE C 216 -2.16 2.26 -9.07
N MET C 217 -2.62 2.23 -10.33
CA MET C 217 -2.33 3.35 -11.22
C MET C 217 -3.12 4.59 -10.83
N TYR C 218 -4.32 4.42 -10.28
CA TYR C 218 -5.04 5.57 -9.74
C TYR C 218 -4.22 6.23 -8.64
N ALA C 219 -3.68 5.41 -7.73
CA ALA C 219 -2.78 5.95 -6.69
C ALA C 219 -1.57 6.61 -7.31
N ALA C 220 -0.98 6.00 -8.34
CA ALA C 220 0.20 6.59 -8.95
C ALA C 220 -0.14 7.94 -9.58
N ARG C 221 -1.31 8.05 -10.19
CA ARG C 221 -1.71 9.30 -10.82
C ARG C 221 -2.04 10.35 -9.78
N LEU C 222 -2.64 9.95 -8.66
CA LEU C 222 -2.83 10.86 -7.54
C LEU C 222 -1.51 11.37 -7.02
N GLN C 223 -0.53 10.46 -6.88
CA GLN C 223 0.79 10.84 -6.39
C GLN C 223 1.45 11.89 -7.27
N LYS C 224 1.42 11.66 -8.58
CA LYS C 224 2.02 12.62 -9.51
C LYS C 224 1.32 13.97 -9.45
N ALA C 225 0.03 14.00 -9.11
CA ALA C 225 -0.73 15.23 -8.99
C ALA C 225 -0.64 15.82 -7.60
N ASP C 226 0.19 15.26 -6.73
CA ASP C 226 0.40 15.75 -5.37
C ASP C 226 -0.84 15.63 -4.49
N ILE C 227 -1.66 14.61 -4.70
CA ILE C 227 -2.79 14.31 -3.82
C ILE C 227 -2.35 13.24 -2.84
N PRO C 228 -2.53 13.46 -1.53
CA PRO C 228 -2.09 12.47 -0.54
C PRO C 228 -2.80 11.13 -0.73
N ILE C 229 -2.03 10.06 -0.66
CA ILE C 229 -2.55 8.71 -0.81
C ILE C 229 -2.15 7.88 0.39
N SER C 230 -3.03 6.96 0.76
CA SER C 230 -2.75 5.84 1.64
C SER C 230 -3.18 4.61 0.84
N LEU C 231 -2.20 3.84 0.39
CA LEU C 231 -2.41 2.77 -0.57
C LEU C 231 -2.02 1.46 0.08
N HIS C 232 -2.92 0.47 0.04
CA HIS C 232 -2.65 -0.82 0.69
C HIS C 232 -3.10 -1.94 -0.23
N ILE C 233 -2.12 -2.61 -0.82
CA ILE C 233 -2.34 -3.76 -1.69
C ILE C 233 -1.83 -4.98 -0.95
N TYR C 234 -2.70 -5.92 -0.70
CA TYR C 234 -2.38 -7.18 -0.04
C TYR C 234 -2.19 -8.28 -1.09
N PRO C 235 -1.36 -9.28 -0.80
CA PRO C 235 -1.00 -10.24 -1.85
C PRO C 235 -2.14 -11.16 -2.26
N ALA C 236 -3.06 -11.44 -1.36
CA ALA C 236 -4.15 -12.37 -1.66
C ALA C 236 -5.44 -11.87 -1.04
N GLY C 237 -6.54 -12.44 -1.50
CA GLY C 237 -7.83 -12.15 -0.92
C GLY C 237 -8.95 -12.02 -1.91
N GLY C 238 -8.62 -11.73 -3.16
CA GLY C 238 -9.60 -11.63 -4.21
C GLY C 238 -10.41 -10.34 -4.22
N HIS C 239 -11.34 -10.29 -5.15
CA HIS C 239 -12.27 -9.19 -5.31
C HIS C 239 -13.38 -9.30 -4.27
N GLY C 240 -13.92 -8.13 -3.91
CA GLY C 240 -15.16 -8.06 -3.16
C GLY C 240 -15.12 -8.53 -1.72
N PHE C 241 -13.98 -8.38 -1.03
CA PHE C 241 -13.90 -8.86 0.35
C PHE C 241 -14.79 -8.06 1.29
N GLY C 242 -15.02 -6.77 0.99
CA GLY C 242 -15.92 -5.97 1.80
C GLY C 242 -15.53 -6.01 3.27
N TYR C 243 -16.52 -6.26 4.12
CA TYR C 243 -16.30 -6.37 5.56
C TYR C 243 -16.10 -7.81 6.01
N ASN C 244 -15.98 -8.76 5.07
CA ASN C 244 -16.01 -10.17 5.41
C ASN C 244 -14.87 -10.57 6.33
N ASP C 245 -15.19 -11.39 7.33
CA ASP C 245 -14.15 -11.97 8.20
C ASP C 245 -13.29 -12.97 7.44
N SER C 246 -13.80 -13.53 6.35
CA SER C 246 -13.05 -14.48 5.53
C SER C 246 -11.84 -13.85 4.85
N PHE C 247 -11.74 -12.52 4.80
CA PHE C 247 -10.56 -11.84 4.28
C PHE C 247 -9.48 -11.90 5.35
N VAL C 248 -8.37 -12.59 5.05
CA VAL C 248 -7.36 -12.81 6.09
C VAL C 248 -6.73 -11.50 6.57
N TYR C 249 -6.82 -10.44 5.77
CA TYR C 249 -6.25 -9.14 6.10
C TYR C 249 -7.29 -8.15 6.60
N LYS C 250 -8.46 -8.63 7.03
CA LYS C 250 -9.53 -7.72 7.45
C LYS C 250 -9.05 -6.81 8.59
N GLN C 251 -8.41 -7.39 9.61
CA GLN C 251 -7.96 -6.59 10.75
C GLN C 251 -6.91 -5.57 10.33
N GLU C 252 -6.01 -5.95 9.41
CA GLU C 252 -4.94 -5.03 9.01
C GLU C 252 -5.48 -3.83 8.25
N TRP C 253 -6.30 -4.05 7.20
CA TRP C 253 -6.72 -2.91 6.38
C TRP C 253 -7.69 -2.02 7.13
N LEU C 254 -8.53 -2.59 7.99
CA LEU C 254 -9.40 -1.75 8.81
C LEU C 254 -8.57 -0.93 9.80
N GLN C 255 -7.50 -1.50 10.35
CA GLN C 255 -6.62 -0.70 11.20
C GLN C 255 -6.02 0.45 10.40
N GLU C 256 -5.58 0.18 9.17
CA GLU C 256 -5.07 1.23 8.31
C GLU C 256 -6.12 2.32 8.09
N LEU C 257 -7.36 1.91 7.81
CA LEU C 257 -8.43 2.88 7.54
C LEU C 257 -8.72 3.74 8.75
N GLY C 258 -8.84 3.11 9.93
CA GLY C 258 -9.09 3.89 11.13
C GLY C 258 -8.00 4.90 11.40
N GLU C 259 -6.73 4.49 11.23
CA GLU C 259 -5.62 5.40 11.46
C GLU C 259 -5.60 6.52 10.42
N TRP C 260 -5.95 6.21 9.17
CA TRP C 260 -6.04 7.24 8.13
C TRP C 260 -7.16 8.23 8.44
N LEU C 261 -8.33 7.72 8.83
CA LEU C 261 -9.44 8.60 9.14
C LEU C 261 -9.08 9.51 10.31
N ALA C 262 -8.31 8.99 11.27
CA ALA C 262 -7.90 9.79 12.43
C ALA C 262 -7.02 10.95 12.03
N LYS C 263 -6.24 10.82 10.96
CA LYS C 263 -5.27 11.84 10.57
C LYS C 263 -5.75 12.76 9.46
N LEU C 264 -7.03 12.71 9.06
CA LEU C 264 -7.49 13.60 7.98
C LEU C 264 -7.46 15.07 8.36
N HIS D 2 6.53 32.44 29.15
CA HIS D 2 6.87 33.83 28.88
C HIS D 2 6.00 34.41 27.77
N MET D 3 5.59 33.56 26.83
CA MET D 3 4.75 33.98 25.72
C MET D 3 3.33 34.28 26.20
N LYS D 4 2.80 35.43 25.79
CA LYS D 4 1.50 35.89 26.29
C LYS D 4 0.35 35.44 25.38
N LYS D 5 0.29 35.98 24.16
CA LYS D 5 -0.88 35.81 23.32
C LYS D 5 -0.53 35.21 21.97
N LEU D 6 -1.54 34.61 21.36
CA LEU D 6 -1.48 34.14 19.97
C LEU D 6 -2.48 34.95 19.18
N ILE D 7 -2.02 35.65 18.15
CA ILE D 7 -2.87 36.47 17.29
C ILE D 7 -2.81 35.89 15.88
N CYS D 8 -3.96 35.50 15.35
CA CYS D 8 -4.05 34.88 14.03
C CYS D 8 -4.58 35.90 13.03
N ILE D 9 -3.82 36.13 11.96
CA ILE D 9 -4.16 37.10 10.93
C ILE D 9 -4.33 36.36 9.61
N SER D 10 -5.53 36.41 9.05
CA SER D 10 -5.81 35.72 7.80
C SER D 10 -5.63 36.72 6.66
N LEU D 11 -4.52 36.58 5.91
CA LEU D 11 -4.19 37.57 4.88
C LEU D 11 -5.23 37.63 3.76
N TYR D 12 -5.83 36.50 3.40
CA TYR D 12 -6.68 36.44 2.22
C TYR D 12 -8.15 36.30 2.57
N GLU D 13 -8.52 36.59 3.82
CA GLU D 13 -9.91 36.66 4.24
C GLU D 13 -10.14 37.96 5.00
N ASP D 14 -9.86 39.07 4.31
CA ASP D 14 -10.09 40.43 4.82
C ASP D 14 -9.34 40.71 6.11
N LEU D 15 -8.15 40.12 6.28
CA LEU D 15 -7.31 40.31 7.46
C LEU D 15 -8.06 40.01 8.76
N SER D 16 -8.94 39.01 8.74
CA SER D 16 -9.70 38.68 9.95
C SER D 16 -8.74 38.26 11.07
N MET D 17 -8.98 38.75 12.28
CA MET D 17 -8.06 38.54 13.39
C MET D 17 -8.78 37.85 14.54
N THR D 18 -8.09 36.91 15.17
CA THR D 18 -8.55 36.24 16.38
C THR D 18 -7.37 36.19 17.34
N THR D 19 -7.66 36.39 18.62
CA THR D 19 -6.62 36.46 19.65
C THR D 19 -6.92 35.42 20.72
N TYR D 20 -5.87 34.73 21.17
CA TYR D 20 -5.98 33.72 22.21
C TYR D 20 -5.09 34.08 23.39
N ASP D 21 -5.53 33.68 24.57
CA ASP D 21 -4.69 33.70 25.76
C ASP D 21 -4.01 32.35 25.80
N LEU D 22 -2.69 32.34 25.57
CA LEU D 22 -1.98 31.07 25.40
C LEU D 22 -2.00 30.23 26.66
N SER D 23 -2.14 30.88 27.83
CA SER D 23 -2.22 30.14 29.08
C SER D 23 -3.43 29.22 29.15
N LYS D 24 -4.47 29.48 28.35
CA LYS D 24 -5.66 28.64 28.29
C LYS D 24 -5.63 27.65 27.14
N VAL D 25 -4.55 27.62 26.37
CA VAL D 25 -4.42 26.79 25.17
C VAL D 25 -3.26 25.83 25.41
N ASP D 26 -3.55 24.53 25.33
CA ASP D 26 -2.50 23.52 25.46
C ASP D 26 -1.96 23.15 24.08
N ASN D 27 -0.91 22.32 24.05
CA ASN D 27 -0.27 22.01 22.78
C ASN D 27 -1.23 21.32 21.82
N ALA D 28 -2.10 20.44 22.34
CA ALA D 28 -3.05 19.76 21.46
C ALA D 28 -3.98 20.77 20.78
N GLU D 29 -4.52 21.73 21.55
CA GLU D 29 -5.39 22.75 20.97
C GLU D 29 -4.61 23.67 20.03
N LEU D 30 -3.37 24.02 20.37
CA LEU D 30 -2.59 24.88 19.49
C LEU D 30 -2.37 24.23 18.12
N ILE D 31 -2.14 22.92 18.10
CA ILE D 31 -1.98 22.21 16.85
C ILE D 31 -3.24 22.33 15.99
N GLY D 32 -4.40 22.15 16.61
CA GLY D 32 -5.65 22.29 15.87
C GLY D 32 -5.83 23.66 15.27
N ILE D 33 -5.45 24.70 16.01
CA ILE D 33 -5.57 26.07 15.52
C ILE D 33 -4.77 26.25 14.23
N VAL D 34 -3.48 25.86 14.23
CA VAL D 34 -2.68 26.12 13.02
C VAL D 34 -3.08 25.19 11.88
N GLU D 35 -3.47 23.96 12.19
CA GLU D 35 -3.86 23.05 11.11
C GLU D 35 -5.17 23.48 10.50
N ASN D 36 -6.13 23.93 11.31
CA ASN D 36 -7.44 24.29 10.79
C ASN D 36 -7.46 25.63 10.07
N ALA D 37 -6.48 26.50 10.33
CA ALA D 37 -6.45 27.81 9.68
C ALA D 37 -6.31 27.68 8.18
N SER D 38 -6.85 28.65 7.45
CA SER D 38 -6.70 28.62 6.01
C SER D 38 -5.29 29.07 5.61
N GLU D 39 -4.92 28.74 4.37
CA GLU D 39 -3.66 29.17 3.81
C GLU D 39 -3.59 30.69 3.83
N GLY D 40 -2.37 31.20 3.93
CA GLY D 40 -2.17 32.62 4.06
C GLY D 40 -2.46 33.17 5.44
N THR D 41 -2.20 32.39 6.48
CA THR D 41 -2.48 32.83 7.84
C THR D 41 -1.17 33.03 8.60
N LEU D 42 -1.11 34.13 9.37
CA LEU D 42 0.01 34.44 10.25
C LEU D 42 -0.38 34.12 11.68
N PHE D 43 0.51 33.44 12.40
CA PHE D 43 0.32 33.10 13.81
C PHE D 43 1.35 33.87 14.60
N VAL D 44 0.90 34.92 15.30
CA VAL D 44 1.79 35.83 16.00
C VAL D 44 1.83 35.43 17.47
N PHE D 45 2.98 34.98 17.94
CA PHE D 45 3.20 34.66 19.35
C PHE D 45 3.91 35.83 20.01
N THR D 46 3.21 36.51 20.92
CA THR D 46 3.76 37.66 21.61
C THR D 46 4.48 37.24 22.88
N CYS D 47 5.33 38.13 23.38
CA CYS D 47 6.24 37.83 24.48
C CYS D 47 5.78 38.48 25.77
N ASP D 48 6.27 37.93 26.89
CA ASP D 48 6.05 38.58 28.17
C ASP D 48 6.77 39.92 28.23
N ARG D 49 8.02 39.95 27.76
CA ARG D 49 8.83 41.18 27.73
C ARG D 49 9.44 41.29 26.34
N PRO D 50 8.69 41.81 25.37
CA PRO D 50 9.24 41.94 24.01
C PRO D 50 10.36 42.97 23.93
N ASN D 51 11.35 42.68 23.09
CA ASN D 51 12.48 43.56 22.87
C ASN D 51 12.38 44.38 21.58
N GLY D 52 11.24 44.34 20.89
CA GLY D 52 11.05 45.16 19.70
C GLY D 52 11.42 44.52 18.39
N SER D 53 11.84 43.26 18.40
CA SER D 53 12.23 42.54 17.19
C SER D 53 11.31 41.36 16.97
N SER D 54 11.18 40.94 15.71
CA SER D 54 10.26 39.89 15.30
C SER D 54 10.91 39.01 14.23
N VAL D 55 10.49 37.75 14.16
CA VAL D 55 10.90 36.87 13.08
C VAL D 55 9.67 36.19 12.49
N ILE D 56 9.59 36.16 11.18
CA ILE D 56 8.53 35.48 10.45
C ILE D 56 9.11 34.18 9.89
N MET D 57 8.63 33.04 10.41
CA MET D 57 9.11 31.73 9.99
C MET D 57 8.28 31.20 8.85
N CYS D 58 8.95 30.82 7.77
CA CYS D 58 8.33 30.13 6.65
C CYS D 58 8.72 28.66 6.76
N PRO D 59 7.83 27.78 7.17
CA PRO D 59 8.21 26.37 7.37
C PRO D 59 8.49 25.69 6.03
N GLY D 60 8.98 24.45 6.14
CA GLY D 60 9.14 23.61 4.98
C GLY D 60 7.86 22.90 4.65
N GLY D 61 7.99 21.84 3.85
CA GLY D 61 6.84 21.06 3.47
C GLY D 61 6.80 20.74 1.99
N GLY D 62 7.85 21.11 1.26
CA GLY D 62 7.98 20.70 -0.14
C GLY D 62 6.86 21.19 -1.04
N PHE D 63 6.21 22.29 -0.68
CA PHE D 63 5.08 22.85 -1.44
C PHE D 63 3.93 21.85 -1.56
N LEU D 64 3.83 20.95 -0.57
CA LEU D 64 2.70 20.05 -0.40
C LEU D 64 1.81 20.48 0.75
N LYS D 65 2.44 21.02 1.78
CA LYS D 65 1.84 21.53 3.01
C LYS D 65 2.93 22.35 3.70
N THR D 66 2.62 22.85 4.90
CA THR D 66 3.63 23.49 5.73
C THR D 66 3.83 22.67 7.00
N ASN D 67 5.10 22.49 7.39
CA ASN D 67 5.48 21.74 8.58
C ASN D 67 5.32 22.66 9.79
N LEU D 68 4.06 22.85 10.18
CA LEU D 68 3.64 23.83 11.18
C LEU D 68 4.06 23.51 12.60
N GLU D 69 4.49 22.28 12.89
CA GLU D 69 4.99 21.97 14.22
C GLU D 69 6.52 22.03 14.25
N ASN D 70 7.16 21.04 13.63
CA ASN D 70 8.61 20.89 13.74
C ASN D 70 9.36 22.10 13.21
N GLU D 71 8.84 22.74 12.17
CA GLU D 71 9.42 23.94 11.59
C GLU D 71 8.50 25.14 11.79
N GLY D 72 7.71 25.10 12.86
CA GLY D 72 6.76 26.14 13.15
C GLY D 72 6.60 26.45 14.63
N ILE D 73 5.47 26.01 15.20
CA ILE D 73 5.13 26.36 16.57
C ILE D 73 6.09 25.76 17.60
N ASP D 74 6.82 24.70 17.26
CA ASP D 74 7.76 24.12 18.23
C ASP D 74 8.88 25.10 18.61
N PHE D 75 9.13 26.12 17.80
CA PHE D 75 10.12 27.16 18.08
C PHE D 75 9.58 28.33 18.93
N ALA D 76 8.27 28.39 19.19
CA ALA D 76 7.68 29.62 19.72
C ALA D 76 8.21 29.96 21.12
N GLU D 77 8.26 28.98 22.03
CA GLU D 77 8.77 29.24 23.37
C GLU D 77 10.23 29.68 23.32
N TRP D 78 10.99 29.09 22.40
CA TRP D 78 12.41 29.42 22.33
C TRP D 78 12.62 30.88 21.96
N PHE D 79 11.87 31.38 20.96
CA PHE D 79 12.06 32.76 20.55
C PHE D 79 11.47 33.73 21.58
N THR D 80 10.25 33.46 22.05
CA THR D 80 9.63 34.35 23.02
C THR D 80 10.42 34.39 24.33
N LYS D 81 11.13 33.31 24.66
CA LYS D 81 11.97 33.35 25.84
C LYS D 81 13.04 34.43 25.73
N LEU D 82 13.49 34.69 24.51
CA LEU D 82 14.46 35.73 24.21
C LEU D 82 13.83 37.11 24.02
N GLY D 83 12.52 37.23 24.19
CA GLY D 83 11.85 38.50 23.94
C GLY D 83 11.59 38.79 22.48
N ILE D 84 11.75 37.80 21.61
CA ILE D 84 11.56 37.95 20.17
C ILE D 84 10.14 37.51 19.82
N THR D 85 9.37 38.40 19.21
CA THR D 85 8.03 38.03 18.77
C THR D 85 8.15 37.07 17.59
N TYR D 86 7.48 35.93 17.71
CA TYR D 86 7.68 34.83 16.77
C TYR D 86 6.39 34.60 15.99
N ILE D 87 6.48 34.61 14.66
CA ILE D 87 5.33 34.58 13.77
C ILE D 87 5.49 33.40 12.79
N VAL D 88 4.57 32.43 12.86
CA VAL D 88 4.57 31.30 11.94
C VAL D 88 3.67 31.65 10.76
N PHE D 89 4.21 31.54 9.54
CA PHE D 89 3.50 31.91 8.32
C PHE D 89 3.03 30.63 7.63
N LYS D 90 1.74 30.36 7.72
CA LYS D 90 1.15 29.27 6.94
C LYS D 90 0.87 29.83 5.55
N TYR D 91 1.90 29.82 4.72
CA TYR D 91 1.84 30.42 3.40
C TYR D 91 1.06 29.52 2.44
N ARG D 92 0.74 30.07 1.27
CA ARG D 92 -0.05 29.34 0.28
C ARG D 92 0.81 28.37 -0.51
N MET D 93 0.20 27.25 -0.90
CA MET D 93 0.89 26.43 -1.88
C MET D 93 0.80 27.09 -3.26
N PRO D 94 1.87 27.08 -4.03
CA PRO D 94 1.86 27.84 -5.31
C PRO D 94 0.94 27.26 -6.37
N HIS D 95 0.77 25.93 -6.41
CA HIS D 95 -0.12 25.28 -7.37
C HIS D 95 0.15 25.74 -8.81
N GLY D 96 1.42 25.72 -9.19
CA GLY D 96 1.82 26.03 -10.54
C GLY D 96 1.97 27.50 -10.87
N ASN D 97 1.66 28.39 -9.93
CA ASN D 97 1.91 29.82 -10.13
C ASN D 97 3.18 30.16 -9.37
N PRO D 98 4.31 30.39 -10.05
CA PRO D 98 5.57 30.58 -9.32
C PRO D 98 5.68 31.93 -8.64
N ASP D 99 4.75 32.86 -8.86
CA ASP D 99 4.81 34.15 -8.20
C ASP D 99 4.09 34.14 -6.85
N VAL D 100 3.47 33.03 -6.47
CA VAL D 100 2.81 32.96 -5.17
C VAL D 100 3.79 33.15 -4.03
N PRO D 101 5.00 32.56 -4.03
CA PRO D 101 5.93 32.86 -2.93
C PRO D 101 6.25 34.34 -2.78
N GLU D 102 6.54 35.05 -3.87
CA GLU D 102 6.77 36.50 -3.77
C GLU D 102 5.55 37.23 -3.24
N GLN D 103 4.36 36.89 -3.77
CA GLN D 103 3.14 37.56 -3.32
C GLN D 103 2.92 37.35 -1.83
N ASP D 104 3.13 36.12 -1.35
CA ASP D 104 2.89 35.85 0.06
C ASP D 104 3.88 36.61 0.95
N THR D 105 5.18 36.54 0.62
CA THR D 105 6.19 37.15 1.49
C THR D 105 6.05 38.67 1.52
N ARG D 106 5.81 39.31 0.37
CA ARG D 106 5.63 40.77 0.38
C ARG D 106 4.44 41.17 1.24
N LEU D 107 3.32 40.47 1.13
CA LEU D 107 2.13 40.83 1.89
C LEU D 107 2.35 40.55 3.38
N ALA D 108 2.98 39.42 3.69
CA ALA D 108 3.25 39.06 5.08
C ALA D 108 4.12 40.11 5.75
N LEU D 109 5.19 40.55 5.08
CA LEU D 109 6.05 41.57 5.67
C LEU D 109 5.31 42.88 5.89
N LYS D 110 4.48 43.29 4.93
CA LYS D 110 3.71 44.54 5.06
C LYS D 110 2.78 44.48 6.26
N VAL D 111 2.02 43.39 6.38
CA VAL D 111 0.98 43.29 7.41
C VAL D 111 1.61 43.31 8.79
N VAL D 112 2.73 42.60 8.96
CA VAL D 112 3.41 42.60 10.25
C VAL D 112 3.89 44.00 10.61
N ARG D 113 4.48 44.70 9.63
CA ARG D 113 4.96 46.06 9.87
C ARG D 113 3.83 47.04 10.20
N GLU D 114 2.68 46.95 9.51
CA GLU D 114 1.61 47.89 9.84
C GLU D 114 0.96 47.54 11.19
N LYS D 115 0.68 46.26 11.42
CA LYS D 115 -0.10 45.90 12.59
C LYS D 115 0.73 45.91 13.87
N PHE D 116 2.02 45.60 13.80
CA PHE D 116 2.88 45.52 14.98
C PHE D 116 4.16 46.33 14.79
N PRO D 117 4.06 47.64 14.61
CA PRO D 117 5.29 48.45 14.53
C PRO D 117 6.12 48.37 15.80
N GLU D 118 5.47 48.16 16.95
CA GLU D 118 6.17 48.05 18.23
C GLU D 118 7.13 46.87 18.26
N PHE D 119 6.86 45.84 17.47
CA PHE D 119 7.69 44.65 17.41
C PHE D 119 8.56 44.59 16.17
N CYS D 120 8.63 45.68 15.38
CA CYS D 120 9.35 45.67 14.12
C CYS D 120 10.52 46.65 14.08
N ASP D 121 11.13 46.99 15.21
CA ASP D 121 12.38 47.74 15.13
C ASP D 121 13.38 46.99 14.27
N LYS D 122 13.46 45.68 14.47
CA LYS D 122 14.14 44.76 13.57
C LYS D 122 13.17 43.66 13.22
N LEU D 123 13.00 43.39 11.93
CA LEU D 123 12.12 42.34 11.45
C LEU D 123 12.93 41.36 10.61
N GLY D 124 13.02 40.12 11.09
CA GLY D 124 13.77 39.12 10.35
C GLY D 124 12.85 38.09 9.74
N VAL D 125 13.34 37.34 8.77
CA VAL D 125 12.59 36.24 8.19
C VAL D 125 13.40 34.97 8.39
N MET D 126 12.69 33.89 8.71
CA MET D 126 13.26 32.59 8.92
C MET D 126 12.64 31.62 7.93
N GLY D 127 13.43 30.68 7.45
CA GLY D 127 12.89 29.72 6.52
C GLY D 127 13.63 28.40 6.55
N ALA D 128 12.86 27.31 6.54
CA ALA D 128 13.40 25.97 6.53
C ALA D 128 13.02 25.30 5.22
N SER D 129 13.98 24.62 4.60
CA SER D 129 13.77 23.85 3.38
C SER D 129 13.18 24.80 2.32
N ILE D 130 12.08 24.45 1.65
CA ILE D 130 11.52 25.31 0.63
C ILE D 130 11.04 26.62 1.22
N GLY D 131 10.69 26.61 2.51
CA GLY D 131 10.43 27.87 3.20
C GLY D 131 11.62 28.81 3.16
N GLY D 132 12.84 28.27 3.14
CA GLY D 132 14.03 29.10 2.96
C GLY D 132 14.08 29.78 1.61
N TYR D 133 13.35 29.25 0.61
CA TYR D 133 13.22 29.95 -0.66
C TYR D 133 12.41 31.23 -0.49
N LEU D 134 11.29 31.16 0.25
CA LEU D 134 10.54 32.38 0.59
C LEU D 134 11.45 33.34 1.35
N ALA D 135 12.20 32.82 2.31
CA ALA D 135 13.04 33.68 3.14
C ALA D 135 14.14 34.34 2.33
N THR D 136 14.89 33.57 1.53
CA THR D 136 15.94 34.19 0.74
C THR D 136 15.37 35.10 -0.35
N PHE D 137 14.20 34.75 -0.89
CA PHE D 137 13.54 35.63 -1.85
C PHE D 137 13.30 36.99 -1.23
N SER D 138 12.76 37.02 0.00
CA SER D 138 12.46 38.29 0.65
C SER D 138 13.71 39.13 0.89
N ALA D 139 14.84 38.46 1.06
CA ALA D 139 16.11 39.10 1.35
C ALA D 139 16.86 39.57 0.10
N THR D 140 16.40 39.19 -1.09
CA THR D 140 17.16 39.47 -2.30
C THR D 140 16.32 40.15 -3.38
N LEU D 141 15.15 39.59 -3.70
CA LEU D 141 14.36 40.08 -4.81
C LEU D 141 13.31 41.12 -4.41
N LEU D 142 13.13 41.41 -3.12
CA LEU D 142 12.26 42.52 -2.74
C LEU D 142 13.03 43.83 -2.79
N PRO D 143 12.33 44.97 -2.87
CA PRO D 143 13.01 46.26 -2.79
C PRO D 143 13.71 46.39 -1.45
N ASP D 144 14.79 47.18 -1.42
CA ASP D 144 15.59 47.31 -0.20
C ASP D 144 14.74 47.72 1.00
N ASP D 145 13.77 48.62 0.80
CA ASP D 145 12.92 49.07 1.90
C ASP D 145 11.97 47.98 2.40
N GLU D 146 11.68 46.97 1.59
CA GLU D 146 10.81 45.90 2.06
C GLU D 146 11.59 44.71 2.59
N LYS D 147 12.89 44.63 2.29
CA LYS D 147 13.70 43.52 2.76
C LYS D 147 13.69 43.46 4.28
N PRO D 148 13.74 42.27 4.86
CA PRO D 148 13.82 42.17 6.32
C PRO D 148 15.22 42.57 6.79
N ASP D 149 15.35 42.77 8.10
CA ASP D 149 16.62 43.22 8.66
C ASP D 149 17.61 42.10 8.90
N PHE D 150 17.14 40.85 8.94
CA PHE D 150 18.02 39.70 9.04
C PHE D 150 17.30 38.48 8.50
N GLN D 151 18.06 37.43 8.22
CA GLN D 151 17.51 36.22 7.64
C GLN D 151 18.13 34.99 8.30
N ILE D 152 17.26 34.03 8.62
CA ILE D 152 17.65 32.78 9.27
C ILE D 152 17.24 31.63 8.35
N LEU D 153 18.20 30.84 7.91
CA LEU D 153 17.95 29.82 6.92
C LEU D 153 18.38 28.44 7.44
N MET D 154 17.45 27.50 7.37
CA MET D 154 17.66 26.11 7.75
C MET D 154 17.54 25.30 6.49
N TYR D 155 18.63 24.63 6.09
CA TYR D 155 18.71 23.81 4.88
C TYR D 155 17.85 24.40 3.74
N PRO D 156 18.10 25.66 3.37
CA PRO D 156 17.23 26.36 2.43
C PRO D 156 17.44 25.93 0.99
N VAL D 157 16.38 26.11 0.18
CA VAL D 157 16.48 26.10 -1.27
C VAL D 157 16.67 27.55 -1.71
N VAL D 158 17.76 27.84 -2.43
CA VAL D 158 18.09 29.22 -2.75
C VAL D 158 18.12 29.47 -4.26
N SER D 159 17.72 28.50 -5.05
CA SER D 159 17.84 28.55 -6.50
C SER D 159 16.80 27.61 -7.13
N VAL D 160 16.38 27.93 -8.35
CA VAL D 160 15.58 27.00 -9.15
C VAL D 160 16.41 26.35 -10.26
N ASP D 161 17.71 26.64 -10.29
CA ASP D 161 18.62 26.05 -11.26
C ASP D 161 18.79 24.54 -11.00
N ASP D 162 18.94 23.78 -12.09
CA ASP D 162 19.11 22.34 -12.00
C ASP D 162 20.24 21.96 -11.04
N ARG D 163 21.31 22.75 -11.02
CA ARG D 163 22.49 22.42 -10.23
C ARG D 163 22.20 22.41 -8.73
N LEU D 164 21.23 23.21 -8.28
CA LEU D 164 20.96 23.36 -6.85
C LEU D 164 19.54 23.00 -6.41
N THR D 165 18.55 23.05 -7.29
CA THR D 165 17.18 23.09 -6.81
C THR D 165 16.66 21.71 -6.37
N HIS D 166 15.49 21.75 -5.73
CA HIS D 166 14.70 20.56 -5.39
C HIS D 166 13.66 20.40 -6.47
N PHE D 167 13.80 19.35 -7.29
CA PHE D 167 12.96 19.23 -8.48
C PHE D 167 11.48 19.06 -8.19
N PRO D 168 11.03 18.25 -7.23
CA PRO D 168 9.59 18.23 -6.94
C PRO D 168 9.08 19.60 -6.52
N CYS D 169 9.85 20.36 -5.72
CA CYS D 169 9.43 21.70 -5.36
C CYS D 169 9.33 22.61 -6.57
N ARG D 170 10.32 22.56 -7.47
CA ARG D 170 10.28 23.43 -8.64
C ARG D 170 9.12 23.07 -9.55
N GLU D 171 8.84 21.78 -9.69
CA GLU D 171 7.70 21.35 -10.51
C GLU D 171 6.38 21.80 -9.89
N ARG D 172 6.25 21.71 -8.57
CA ARG D 172 5.04 22.20 -7.90
C ARG D 172 4.92 23.72 -8.03
N MET D 173 6.05 24.43 -8.05
CA MET D 173 6.05 25.88 -8.15
C MET D 173 5.68 26.35 -9.55
N PHE D 174 6.15 25.65 -10.58
CA PHE D 174 5.95 26.06 -11.97
C PHE D 174 4.93 25.22 -12.70
N GLY D 175 4.45 24.14 -12.11
CA GLY D 175 3.69 23.16 -12.86
C GLY D 175 4.63 22.49 -13.83
N HIS D 176 4.28 22.53 -15.11
CA HIS D 176 5.15 22.07 -16.19
C HIS D 176 5.66 23.22 -17.03
N SER D 177 5.56 24.45 -16.53
CA SER D 177 5.94 25.65 -17.28
C SER D 177 7.40 26.05 -17.13
N TYR D 178 8.20 25.41 -16.27
CA TYR D 178 9.58 25.85 -16.07
C TYR D 178 10.44 25.63 -17.31
N SER D 179 11.25 26.63 -17.62
CA SER D 179 12.29 26.56 -18.63
C SER D 179 13.50 27.30 -18.10
N PRO D 180 14.71 26.92 -18.54
CA PRO D 180 15.93 27.53 -17.97
C PRO D 180 16.02 29.04 -18.15
N ASP D 181 15.32 29.63 -19.12
CA ASP D 181 15.37 31.09 -19.25
C ASP D 181 14.78 31.80 -18.04
N LYS D 182 13.97 31.10 -17.25
CA LYS D 182 13.33 31.65 -16.06
C LYS D 182 14.20 31.54 -14.81
N MET D 183 15.40 30.96 -14.91
CA MET D 183 16.19 30.64 -13.71
C MET D 183 16.55 31.88 -12.91
N GLU D 184 17.14 32.89 -13.55
CA GLU D 184 17.68 34.03 -12.81
C GLU D 184 16.60 34.79 -12.08
N GLN D 185 15.46 35.03 -12.73
CA GLN D 185 14.39 35.80 -12.12
C GLN D 185 13.78 35.09 -10.92
N TYR D 186 13.99 33.79 -10.78
CA TYR D 186 13.40 33.05 -9.67
C TYR D 186 14.45 32.40 -8.78
N SER D 187 15.71 32.81 -8.85
CA SER D 187 16.75 32.25 -8.00
C SER D 187 17.32 33.33 -7.09
N PRO D 188 16.96 33.34 -5.80
CA PRO D 188 17.45 34.38 -4.90
C PRO D 188 18.97 34.49 -4.83
N ILE D 189 19.70 33.37 -4.96
CA ILE D 189 21.16 33.44 -4.88
C ILE D 189 21.73 34.33 -5.98
N GLU D 190 20.98 34.55 -7.05
CA GLU D 190 21.48 35.42 -8.11
C GLU D 190 21.16 36.88 -7.88
N HIS D 191 20.54 37.22 -6.75
CA HIS D 191 20.08 38.59 -6.54
C HIS D 191 20.54 39.14 -5.19
N ILE D 192 21.70 38.67 -4.71
CA ILE D 192 22.31 39.24 -3.53
C ILE D 192 22.90 40.59 -3.89
N THR D 193 22.57 41.62 -3.10
CA THR D 193 23.05 42.98 -3.32
C THR D 193 23.43 43.58 -1.97
N SER D 194 23.90 44.83 -1.99
CA SER D 194 24.37 45.46 -0.76
C SER D 194 23.26 45.62 0.29
N GLY D 195 21.99 45.67 -0.14
CA GLY D 195 20.87 45.74 0.80
C GLY D 195 20.45 44.42 1.44
N THR D 196 20.95 43.29 0.95
CA THR D 196 20.61 41.98 1.52
C THR D 196 21.07 41.89 2.96
N PRO D 197 20.21 41.44 3.89
CA PRO D 197 20.56 41.48 5.31
C PRO D 197 21.47 40.35 5.78
N ALA D 198 22.08 40.60 6.94
CA ALA D 198 22.91 39.61 7.62
C ALA D 198 22.14 38.32 7.82
N ALA D 199 22.88 37.20 7.77
CA ALA D 199 22.27 35.89 7.66
C ALA D 199 22.85 34.91 8.66
N PHE D 200 21.97 34.04 9.16
CA PHE D 200 22.35 32.84 9.90
C PHE D 200 21.93 31.65 9.04
N ILE D 201 22.86 30.75 8.78
CA ILE D 201 22.61 29.63 7.88
C ILE D 201 23.04 28.34 8.57
N VAL D 202 22.15 27.35 8.60
CA VAL D 202 22.45 26.06 9.21
C VAL D 202 21.92 24.93 8.34
N ALA D 203 22.71 23.86 8.22
CA ALA D 203 22.28 22.67 7.50
C ALA D 203 23.19 21.51 7.90
N ALA D 204 22.83 20.29 7.48
CA ALA D 204 23.62 19.10 7.71
C ALA D 204 24.24 18.63 6.41
N ALA D 205 25.51 18.20 6.49
CA ALA D 205 26.27 17.81 5.30
C ALA D 205 25.72 16.57 4.61
N ASP D 206 24.99 15.72 5.33
CA ASP D 206 24.40 14.51 4.75
C ASP D 206 23.01 14.73 4.19
N ASP D 207 22.57 15.98 4.07
CA ASP D 207 21.25 16.31 3.55
C ASP D 207 21.04 15.70 2.16
N ALA D 208 20.04 14.81 2.04
CA ALA D 208 19.74 14.09 0.80
C ALA D 208 18.50 14.64 0.09
N VAL D 209 17.87 15.68 0.63
CA VAL D 209 16.73 16.32 -0.01
C VAL D 209 17.24 17.51 -0.82
N VAL D 210 17.95 18.41 -0.13
CA VAL D 210 18.47 19.63 -0.72
C VAL D 210 19.97 19.65 -0.50
N SER D 211 20.73 19.83 -1.57
CA SER D 211 22.19 19.87 -1.43
C SER D 211 22.59 20.98 -0.47
N PRO D 212 23.44 20.71 0.54
CA PRO D 212 23.89 21.81 1.41
C PRO D 212 24.71 22.88 0.70
N LEU D 213 25.10 22.64 -0.56
CA LEU D 213 25.72 23.72 -1.33
C LEU D 213 24.75 24.86 -1.55
N ASN D 214 23.44 24.63 -1.41
CA ASN D 214 22.50 25.75 -1.40
C ASN D 214 22.90 26.75 -0.32
N GLY D 215 22.88 26.31 0.93
CA GLY D 215 23.24 27.21 2.01
C GLY D 215 24.68 27.70 1.93
N ILE D 216 25.60 26.81 1.56
CA ILE D 216 27.02 27.14 1.55
C ILE D 216 27.33 28.15 0.46
N MET D 217 26.84 27.92 -0.76
CA MET D 217 27.14 28.84 -1.84
C MET D 217 26.39 30.16 -1.68
N TYR D 218 25.21 30.14 -1.07
CA TYR D 218 24.54 31.39 -0.70
C TYR D 218 25.41 32.18 0.27
N ALA D 219 25.94 31.49 1.30
CA ALA D 219 26.82 32.17 2.24
C ALA D 219 28.06 32.72 1.56
N ALA D 220 28.63 31.96 0.62
CA ALA D 220 29.83 32.44 -0.06
C ALA D 220 29.54 33.72 -0.83
N ARG D 221 28.40 33.77 -1.50
CA ARG D 221 28.04 34.95 -2.26
C ARG D 221 27.68 36.11 -1.34
N LEU D 222 27.07 35.83 -0.18
CA LEU D 222 26.91 36.89 0.82
C LEU D 222 28.27 37.42 1.26
N GLN D 223 29.22 36.52 1.48
CA GLN D 223 30.58 36.90 1.89
C GLN D 223 31.24 37.83 0.88
N LYS D 224 31.19 37.47 -0.40
CA LYS D 224 31.80 38.30 -1.43
C LYS D 224 31.16 39.68 -1.47
N ALA D 225 29.89 39.78 -1.09
CA ALA D 225 29.17 41.04 -1.06
C ALA D 225 29.33 41.78 0.26
N ASP D 226 30.22 41.32 1.15
CA ASP D 226 30.46 41.96 2.45
C ASP D 226 29.23 41.97 3.35
N ILE D 227 28.38 40.95 3.24
CA ILE D 227 27.24 40.78 4.14
C ILE D 227 27.66 39.82 5.26
N PRO D 228 27.51 40.21 6.52
CA PRO D 228 27.96 39.32 7.61
C PRO D 228 27.16 38.02 7.62
N ILE D 229 27.88 36.92 7.77
CA ILE D 229 27.27 35.60 7.82
C ILE D 229 27.70 34.91 9.10
N SER D 230 26.79 34.07 9.60
CA SER D 230 27.06 33.05 10.61
C SER D 230 26.60 31.73 10.00
N LEU D 231 27.55 30.89 9.62
CA LEU D 231 27.28 29.70 8.82
C LEU D 231 27.67 28.48 9.63
N HIS D 232 26.77 27.51 9.71
CA HIS D 232 27.02 26.31 10.50
C HIS D 232 26.53 25.08 9.76
N ILE D 233 27.48 24.28 9.26
CA ILE D 233 27.17 23.02 8.59
C ILE D 233 27.63 21.91 9.52
N TYR D 234 26.70 21.04 9.91
CA TYR D 234 27.09 19.93 10.76
C TYR D 234 27.26 18.69 9.89
N PRO D 235 28.09 17.73 10.32
CA PRO D 235 28.38 16.59 9.42
C PRO D 235 27.19 15.67 9.23
N ALA D 236 26.30 15.57 10.20
CA ALA D 236 25.18 14.65 10.06
C ALA D 236 23.91 15.29 10.62
N GLY D 237 22.77 14.70 10.30
CA GLY D 237 21.51 15.16 10.82
C GLY D 237 20.37 15.16 9.82
N GLY D 238 20.71 15.15 8.53
CA GLY D 238 19.72 15.07 7.48
C GLY D 238 18.95 16.38 7.30
N HIS D 239 18.01 16.32 6.36
CA HIS D 239 17.13 17.45 6.07
C HIS D 239 16.04 17.55 7.13
N GLY D 240 15.54 18.76 7.36
CA GLY D 240 14.33 18.92 8.14
C GLY D 240 14.43 18.60 9.62
N PHE D 241 15.59 18.84 10.25
CA PHE D 241 15.70 18.54 11.67
C PHE D 241 14.83 19.46 12.52
N GLY D 242 14.61 20.70 12.07
CA GLY D 242 13.70 21.59 12.79
C GLY D 242 14.09 21.73 14.24
N TYR D 243 13.10 21.61 15.13
CA TYR D 243 13.32 21.67 16.57
C TYR D 243 13.45 20.28 17.22
N ASN D 244 13.60 19.22 16.43
CA ASN D 244 13.57 17.85 16.93
C ASN D 244 14.69 17.59 17.95
N ASP D 245 14.34 16.88 19.04
CA ASP D 245 15.37 16.43 19.97
C ASP D 245 16.26 15.35 19.36
N SER D 246 15.77 14.62 18.36
CA SER D 246 16.55 13.57 17.71
C SER D 246 17.76 14.09 16.95
N PHE D 247 17.85 15.40 16.70
CA PHE D 247 19.02 15.98 16.06
C PHE D 247 20.13 16.05 17.10
N VAL D 248 21.22 15.32 16.86
CA VAL D 248 22.29 15.22 17.85
C VAL D 248 22.94 16.58 18.11
N TYR D 249 22.81 17.51 17.18
CA TYR D 249 23.40 18.85 17.32
C TYR D 249 22.38 19.91 17.71
N LYS D 250 21.22 19.51 18.24
CA LYS D 250 20.19 20.50 18.56
C LYS D 250 20.73 21.57 19.51
N GLN D 251 21.40 21.16 20.59
CA GLN D 251 21.87 22.14 21.56
C GLN D 251 22.91 23.08 20.94
N GLU D 252 23.79 22.54 20.08
CA GLU D 252 24.84 23.35 19.48
C GLU D 252 24.28 24.42 18.57
N TRP D 253 23.43 24.03 17.60
CA TRP D 253 22.99 25.03 16.63
C TRP D 253 22.05 26.03 17.27
N LEU D 254 21.23 25.61 18.24
CA LEU D 254 20.41 26.60 18.96
C LEU D 254 21.27 27.56 19.78
N GLN D 255 22.35 27.06 20.40
CA GLN D 255 23.25 27.98 21.07
C GLN D 255 23.85 28.97 20.09
N GLU D 256 24.24 28.49 18.91
CA GLU D 256 24.77 29.39 17.90
C GLU D 256 23.76 30.46 17.52
N LEU D 257 22.50 30.04 17.33
CA LEU D 257 21.45 30.97 16.93
C LEU D 257 21.19 32.01 18.02
N GLY D 258 21.06 31.56 19.27
CA GLY D 258 20.82 32.48 20.36
C GLY D 258 21.91 33.53 20.48
N GLU D 259 23.17 33.10 20.38
CA GLU D 259 24.29 34.04 20.45
C GLU D 259 24.28 34.99 19.26
N TRP D 260 23.89 34.49 18.08
CA TRP D 260 23.80 35.35 16.91
C TRP D 260 22.70 36.39 17.09
N LEU D 261 21.53 35.97 17.57
CA LEU D 261 20.42 36.89 17.80
C LEU D 261 20.80 37.97 18.81
N ALA D 262 21.56 37.60 19.83
CA ALA D 262 21.97 38.58 20.84
C ALA D 262 22.84 39.67 20.25
N LYS D 263 23.64 39.37 19.24
CA LYS D 263 24.60 40.31 18.69
C LYS D 263 24.11 41.04 17.45
N LEU D 264 22.82 40.98 17.13
CA LEU D 264 22.30 41.69 15.97
C LEU D 264 22.37 43.21 16.20
#